data_6D7W
#
_entry.id   6D7W
#
_cell.length_a   1
_cell.length_b   1
_cell.length_c   1
_cell.angle_alpha   90.00
_cell.angle_beta   90.00
_cell.angle_gamma   90.00
#
_symmetry.space_group_name_H-M   'P 1'
#
loop_
_entity.id
_entity.type
_entity.pdbx_description
1 polymer 'Mitochondrial calcium uniporter'
2 non-polymer 'CALCIUM ION'
#
_entity_poly.entity_id   1
_entity_poly.type   'polypeptide(L)'
_entity_poly.pdbx_seq_one_letter_code
;GSDKRGPQSAEPDPLERLEVKKVQQQHENEKDDSGRDTKSGGKVAKAMTKGDTIAGKLLTTPSRLFKLLIPLTTINRKDI
EQIAILIHPQQPLSHLERLIQSEVPPIEDENGQKRPPFVSFIALQLEQDAIRPKRGMYEGTDAEIHRVEGGKDDATVAKR
GEDFQEVDETFSYLRRPGPGQGDKEQRFIRWSQSTEIGDFIRDAARAKEFIVTIEGAPAGLEQIHVAVPSFDERTYFLRM
RLRKISRRIQGLAEIKHECDALAHRGAQRVALGGFGILAFWWYIVYKLTFETDLGWDTMEPVTYLVSLSTLMGGYLWFLY
HNREISYRSALDFTINARQKKLYQMKGIDLQVWESLIDEANAIRREIKNIAAEYDVDWDERKDEQDDRVTEALKKERRLK
NGSQKEERPKDDRDDD
;
_entity_poly.pdbx_strand_id   A,C,B,D
#
loop_
_chem_comp.id
_chem_comp.type
_chem_comp.name
_chem_comp.formula
CA non-polymer 'CALCIUM ION' 'Ca 2'
#
# COMPACT_ATOMS: atom_id res chain seq x y z
N ASP A 52 -23.80 28.29 25.17
CA ASP A 52 -24.46 29.07 26.20
C ASP A 52 -25.45 30.03 25.58
N THR A 53 -24.91 31.13 25.03
CA THR A 53 -25.70 32.16 24.38
C THR A 53 -25.52 32.17 22.87
N ILE A 54 -24.28 32.33 22.40
CA ILE A 54 -23.99 32.38 20.97
C ILE A 54 -22.89 31.39 20.64
N ALA A 55 -22.65 30.44 21.53
CA ALA A 55 -21.57 29.49 21.34
C ALA A 55 -22.13 28.11 21.06
N GLY A 56 -21.35 27.33 20.33
CA GLY A 56 -21.70 25.95 20.06
C GLY A 56 -20.43 25.14 19.99
N LYS A 57 -20.59 23.82 19.92
CA LYS A 57 -19.45 22.95 19.76
C LYS A 57 -19.84 21.76 18.91
N LEU A 58 -18.99 21.37 17.96
CA LEU A 58 -19.27 20.15 17.21
C LEU A 58 -18.27 19.13 17.73
N LEU A 59 -18.79 18.15 18.47
CA LEU A 59 -17.99 17.11 19.12
C LEU A 59 -17.56 15.95 18.24
N THR A 60 -16.64 15.14 18.76
CA THR A 60 -16.16 14.02 17.97
C THR A 60 -16.50 12.72 18.71
N THR A 61 -17.48 11.99 18.21
CA THR A 61 -17.82 10.71 18.76
C THR A 61 -16.71 9.69 18.43
N PRO A 62 -16.59 8.61 19.20
CA PRO A 62 -15.62 7.55 18.83
C PRO A 62 -15.96 6.84 17.54
N SER A 63 -17.22 6.87 17.12
CA SER A 63 -17.62 6.33 15.83
C SER A 63 -17.28 7.35 14.73
N ARG A 64 -17.76 7.08 13.52
CA ARG A 64 -17.47 7.98 12.41
C ARG A 64 -18.29 9.26 12.47
N LEU A 65 -19.43 9.23 13.17
CA LEU A 65 -20.36 10.34 13.19
C LEU A 65 -19.79 11.52 13.96
N PHE A 66 -20.48 12.64 13.86
CA PHE A 66 -20.28 13.80 14.72
C PHE A 66 -21.49 14.00 15.59
N LYS A 67 -21.40 14.98 16.47
CA LYS A 67 -22.57 15.56 17.10
C LYS A 67 -22.28 17.03 17.30
N LEU A 68 -23.33 17.83 17.35
CA LEU A 68 -23.16 19.24 17.63
C LEU A 68 -24.33 19.72 18.45
N LEU A 69 -24.06 20.62 19.38
CA LEU A 69 -25.08 21.17 20.24
C LEU A 69 -25.12 22.69 20.09
N ILE A 70 -26.26 23.20 19.65
CA ILE A 70 -26.45 24.61 19.34
C ILE A 70 -27.71 25.07 20.09
N PRO A 71 -27.69 26.25 20.72
CA PRO A 71 -28.90 26.73 21.40
C PRO A 71 -29.84 27.46 20.45
N LEU A 72 -31.13 27.12 20.51
CA LEU A 72 -32.13 27.80 19.70
C LEU A 72 -33.51 27.71 20.35
N THR A 73 -34.30 28.74 20.11
CA THR A 73 -35.60 28.89 20.74
C THR A 73 -36.62 27.94 20.11
N THR A 74 -37.33 27.20 20.95
CA THR A 74 -38.44 26.37 20.51
C THR A 74 -39.55 26.42 21.54
N ILE A 75 -40.78 26.69 21.10
CA ILE A 75 -41.91 26.85 22.00
C ILE A 75 -42.49 25.53 22.49
N ASN A 76 -41.94 24.40 22.05
CA ASN A 76 -42.22 23.13 22.70
C ASN A 76 -41.48 23.02 24.03
N ARG A 77 -40.26 23.54 24.06
CA ARG A 77 -39.48 23.81 25.26
C ARG A 77 -39.90 25.20 25.76
N LYS A 78 -39.34 25.67 26.89
CA LYS A 78 -39.74 26.97 27.39
C LYS A 78 -39.06 28.12 26.65
N ASP A 79 -37.75 28.27 26.82
CA ASP A 79 -37.07 29.45 26.27
C ASP A 79 -36.01 29.10 25.23
N ILE A 80 -34.91 28.45 25.62
CA ILE A 80 -33.77 28.19 24.76
C ILE A 80 -33.15 26.89 25.26
N GLU A 81 -33.02 25.91 24.37
CA GLU A 81 -32.48 24.61 24.71
C GLU A 81 -31.29 24.31 23.81
N GLN A 82 -30.22 23.81 24.39
CA GLN A 82 -29.16 23.26 23.55
C GLN A 82 -29.57 21.87 23.08
N ILE A 83 -29.63 21.71 21.77
CA ILE A 83 -30.25 20.56 21.15
C ILE A 83 -29.18 19.64 20.59
N ALA A 84 -29.49 18.35 20.53
CA ALA A 84 -28.55 17.35 20.05
C ALA A 84 -28.88 16.99 18.61
N ILE A 85 -27.91 17.20 17.73
CA ILE A 85 -28.03 16.88 16.31
C ILE A 85 -26.84 16.01 15.96
N LEU A 86 -27.07 14.89 15.27
CA LEU A 86 -25.99 14.04 14.81
C LEU A 86 -25.83 14.14 13.29
N ILE A 87 -24.61 13.92 12.84
CA ILE A 87 -24.20 14.17 11.46
C ILE A 87 -23.25 13.07 11.01
N HIS A 88 -23.46 12.57 9.79
CA HIS A 88 -22.45 11.77 9.13
C HIS A 88 -21.68 12.63 8.14
N PRO A 89 -20.36 12.45 7.98
CA PRO A 89 -19.58 13.40 7.16
C PRO A 89 -19.82 13.30 5.66
N GLN A 90 -20.54 12.29 5.18
CA GLN A 90 -20.98 12.26 3.79
C GLN A 90 -22.43 12.71 3.63
N GLN A 91 -22.91 13.55 4.53
CA GLN A 91 -24.23 14.06 4.21
C GLN A 91 -24.12 15.47 3.65
N PRO A 92 -24.99 15.82 2.71
CA PRO A 92 -24.95 17.17 2.15
C PRO A 92 -25.41 18.18 3.17
N LEU A 93 -25.03 19.42 2.93
CA LEU A 93 -25.28 20.46 3.91
C LEU A 93 -26.73 20.89 3.91
N SER A 94 -27.46 20.59 2.83
CA SER A 94 -28.90 20.77 2.80
C SER A 94 -29.61 19.90 3.81
N HIS A 95 -29.06 18.73 4.10
CA HIS A 95 -29.69 17.88 5.10
C HIS A 95 -29.50 18.45 6.49
N LEU A 96 -28.38 19.13 6.74
CA LEU A 96 -28.22 19.78 8.04
C LEU A 96 -29.11 20.99 8.15
N GLU A 97 -29.27 21.76 7.07
CA GLU A 97 -30.11 22.94 7.18
C GLU A 97 -31.59 22.55 7.23
N ARG A 98 -31.94 21.40 6.67
CA ARG A 98 -33.30 20.90 6.82
C ARG A 98 -33.50 20.29 8.20
N LEU A 99 -32.44 19.72 8.78
CA LEU A 99 -32.59 19.05 10.07
C LEU A 99 -32.72 20.07 11.19
N ILE A 100 -31.89 21.12 11.16
CA ILE A 100 -32.05 22.19 12.12
C ILE A 100 -33.25 23.06 11.75
N GLN A 101 -33.67 23.02 10.49
CA GLN A 101 -34.89 23.70 10.08
C GLN A 101 -36.13 23.01 10.60
N SER A 102 -36.04 21.72 10.93
CA SER A 102 -37.22 20.98 11.36
C SER A 102 -37.53 21.13 12.84
N GLU A 103 -36.52 21.23 13.69
CA GLU A 103 -36.74 21.40 15.13
C GLU A 103 -36.64 22.87 15.53
N VAL A 104 -37.49 23.68 14.91
CA VAL A 104 -37.65 25.09 15.24
C VAL A 104 -39.05 25.50 14.79
N PRO A 105 -39.80 26.23 15.61
CA PRO A 105 -41.10 26.73 15.16
C PRO A 105 -40.92 27.80 14.10
N PRO A 106 -41.73 27.77 13.04
CA PRO A 106 -41.40 28.52 11.82
C PRO A 106 -41.53 30.02 11.93
N ILE A 107 -40.98 30.71 10.94
CA ILE A 107 -41.16 32.14 10.76
C ILE A 107 -42.47 32.34 10.04
N GLU A 108 -43.36 33.15 10.61
CA GLU A 108 -44.61 33.46 9.94
C GLU A 108 -44.35 34.35 8.73
N ASP A 109 -44.93 33.96 7.61
CA ASP A 109 -44.77 34.69 6.37
C ASP A 109 -45.49 36.04 6.45
N GLU A 110 -44.77 37.10 6.08
CA GLU A 110 -45.42 38.39 5.94
C GLU A 110 -46.23 38.49 4.65
N ASN A 111 -45.92 37.65 3.66
CA ASN A 111 -46.83 37.43 2.55
C ASN A 111 -47.98 36.53 2.94
N GLY A 112 -47.84 35.77 4.03
CA GLY A 112 -48.92 34.97 4.56
C GLY A 112 -48.82 33.48 4.35
N GLN A 113 -48.10 33.03 3.32
CA GLN A 113 -48.29 31.68 2.81
C GLN A 113 -47.03 30.81 2.85
N LYS A 114 -45.85 31.38 3.01
CA LYS A 114 -44.59 30.64 2.88
C LYS A 114 -43.85 30.63 4.21
N ARG A 115 -44.03 29.56 4.99
CA ARG A 115 -43.36 29.53 6.29
C ARG A 115 -42.34 28.41 6.55
N PRO A 116 -41.33 28.18 5.71
CA PRO A 116 -40.11 27.56 6.24
C PRO A 116 -39.04 28.62 6.53
N PRO A 117 -38.19 28.39 7.52
CA PRO A 117 -37.05 29.29 7.71
C PRO A 117 -35.97 29.03 6.67
N PHE A 118 -35.10 30.02 6.48
CA PHE A 118 -34.03 29.97 5.49
C PHE A 118 -32.70 30.17 6.22
N VAL A 119 -31.97 29.10 6.48
CA VAL A 119 -30.73 29.21 7.22
C VAL A 119 -29.54 29.03 6.28
N SER A 120 -28.34 29.31 6.79
CA SER A 120 -27.15 29.39 5.95
C SER A 120 -25.95 28.96 6.77
N PHE A 121 -24.77 29.10 6.16
CA PHE A 121 -23.49 28.78 6.77
C PHE A 121 -22.47 29.74 6.22
N ILE A 122 -21.62 30.29 7.09
CA ILE A 122 -20.61 31.27 6.68
C ILE A 122 -19.32 30.94 7.40
N ALA A 123 -18.21 30.91 6.68
CA ALA A 123 -16.92 30.62 7.29
C ALA A 123 -15.97 31.81 7.14
N LEU A 124 -14.72 31.59 7.47
CA LEU A 124 -13.67 32.60 7.37
C LEU A 124 -12.73 32.20 6.25
N GLN A 125 -12.80 32.93 5.14
CA GLN A 125 -11.78 32.82 4.12
C GLN A 125 -10.47 33.38 4.65
N LEU A 126 -9.45 32.54 4.71
CA LEU A 126 -8.16 32.94 5.23
C LEU A 126 -7.31 33.49 4.11
N GLU A 127 -6.64 34.61 4.37
CA GLU A 127 -5.84 35.32 3.39
C GLU A 127 -4.35 35.14 3.66
N GLN A 128 -4.00 34.11 4.43
CA GLN A 128 -2.70 33.92 5.07
C GLN A 128 -2.23 35.19 5.81
N GLN A 186 -12.74 41.61 8.69
CA GLN A 186 -12.15 40.42 8.11
C GLN A 186 -12.84 40.06 6.81
N ARG A 187 -12.88 38.76 6.49
CA ARG A 187 -13.47 38.31 5.24
C ARG A 187 -14.26 37.04 5.49
N PHE A 188 -15.46 36.98 4.94
CA PHE A 188 -16.39 35.89 5.19
C PHE A 188 -17.13 35.56 3.90
N ILE A 189 -17.28 34.27 3.63
CA ILE A 189 -17.91 33.77 2.41
C ILE A 189 -18.86 32.64 2.79
N ARG A 190 -20.01 32.59 2.14
CA ARG A 190 -20.97 31.57 2.52
C ARG A 190 -20.81 30.33 1.66
N TRP A 191 -21.12 29.18 2.25
CA TRP A 191 -20.86 27.89 1.64
C TRP A 191 -22.14 27.33 1.04
N SER A 192 -22.00 26.72 -0.13
CA SER A 192 -23.16 26.28 -0.91
C SER A 192 -23.90 25.17 -0.20
N GLN A 193 -25.14 24.95 -0.62
CA GLN A 193 -26.03 24.08 0.11
C GLN A 193 -25.91 22.62 -0.29
N SER A 194 -24.88 22.25 -1.05
CA SER A 194 -24.70 20.85 -1.36
C SER A 194 -23.23 20.42 -1.34
N THR A 195 -22.42 21.04 -0.51
CA THR A 195 -21.15 20.42 -0.18
C THR A 195 -21.38 19.29 0.82
N GLU A 196 -20.44 18.35 0.87
CA GLU A 196 -20.50 17.41 1.97
C GLU A 196 -20.05 18.09 3.24
N ILE A 197 -20.44 17.50 4.36
CA ILE A 197 -20.13 18.14 5.63
C ILE A 197 -18.65 17.98 5.97
N GLY A 198 -18.07 16.82 5.66
CA GLY A 198 -16.71 16.51 6.09
C GLY A 198 -15.65 17.43 5.50
N ASP A 199 -15.80 17.80 4.23
CA ASP A 199 -14.82 18.66 3.59
C ASP A 199 -14.90 20.08 4.14
N PHE A 200 -16.12 20.55 4.40
CA PHE A 200 -16.33 21.83 5.05
C PHE A 200 -15.80 21.84 6.48
N ILE A 201 -15.95 20.72 7.19
CA ILE A 201 -15.39 20.54 8.53
C ILE A 201 -13.88 20.64 8.51
N ARG A 202 -13.24 20.08 7.48
CA ARG A 202 -11.78 20.15 7.41
C ARG A 202 -11.30 21.56 7.08
N ASP A 203 -11.98 22.24 6.15
CA ASP A 203 -11.56 23.58 5.74
C ASP A 203 -11.74 24.60 6.86
N ALA A 204 -12.95 24.69 7.40
CA ALA A 204 -13.16 25.55 8.57
C ALA A 204 -12.42 25.03 9.80
N ALA A 205 -12.01 23.75 9.81
CA ALA A 205 -11.25 23.20 10.92
C ALA A 205 -9.85 23.78 10.98
N ARG A 206 -9.19 23.93 9.84
CA ARG A 206 -7.94 24.68 9.91
C ARG A 206 -8.23 26.17 10.13
N ALA A 207 -9.38 26.65 9.66
CA ALA A 207 -9.69 28.06 9.91
C ALA A 207 -10.03 28.37 11.36
N LYS A 208 -10.48 27.37 12.14
CA LYS A 208 -10.85 27.51 13.56
C LYS A 208 -11.95 28.55 13.76
N GLU A 209 -13.03 28.43 12.98
CA GLU A 209 -14.06 29.44 12.86
C GLU A 209 -15.26 28.84 12.14
N PHE A 210 -16.45 29.25 12.55
CA PHE A 210 -17.70 28.67 12.09
C PHE A 210 -18.77 29.64 12.56
N ILE A 211 -19.65 30.11 11.69
CA ILE A 211 -20.84 30.80 12.18
C ILE A 211 -22.04 30.19 11.48
N VAL A 212 -23.24 30.56 11.96
CA VAL A 212 -24.51 30.19 11.34
C VAL A 212 -25.39 31.43 11.37
N THR A 213 -26.07 31.71 10.26
CA THR A 213 -27.03 32.82 10.17
C THR A 213 -28.43 32.26 9.95
N ILE A 214 -29.17 32.05 11.03
CA ILE A 214 -30.59 31.75 10.91
C ILE A 214 -31.33 33.05 10.61
N GLU A 215 -32.03 33.11 9.49
CA GLU A 215 -32.77 34.30 9.10
C GLU A 215 -34.02 34.55 9.94
N GLY A 216 -34.27 35.82 10.25
CA GLY A 216 -35.46 36.22 11.00
C GLY A 216 -35.57 35.94 12.49
N ALA A 217 -35.39 34.68 12.88
CA ALA A 217 -35.53 34.27 14.27
C ALA A 217 -34.59 34.93 15.29
N PRO A 218 -33.31 35.10 14.92
CA PRO A 218 -32.42 35.71 15.92
C PRO A 218 -32.85 37.14 16.27
N ALA A 219 -33.11 37.38 17.55
CA ALA A 219 -33.53 38.70 18.01
C ALA A 219 -32.45 39.75 17.83
N GLY A 220 -31.23 39.38 18.18
CA GLY A 220 -30.07 40.25 18.07
C GLY A 220 -28.89 39.40 17.65
N LEU A 221 -27.94 40.00 16.93
CA LEU A 221 -26.71 39.36 16.43
C LEU A 221 -26.86 38.34 15.30
N GLU A 222 -27.67 37.30 15.53
CA GLU A 222 -27.95 36.24 14.56
C GLU A 222 -26.65 35.64 14.04
N GLN A 223 -25.71 35.41 14.96
CA GLN A 223 -24.42 34.85 14.56
C GLN A 223 -24.05 33.75 15.56
N ILE A 224 -24.59 32.55 15.37
CA ILE A 224 -24.27 31.45 16.27
C ILE A 224 -22.89 30.93 15.91
N HIS A 225 -21.90 31.27 16.71
CA HIS A 225 -20.59 30.68 16.53
C HIS A 225 -20.60 29.27 17.08
N VAL A 226 -19.90 28.35 16.42
CA VAL A 226 -19.61 27.07 17.06
C VAL A 226 -18.12 26.82 16.97
N ALA A 227 -17.64 25.89 17.79
CA ALA A 227 -16.21 25.57 17.86
C ALA A 227 -15.82 24.12 17.52
N VAL A 228 -14.89 24.00 16.58
CA VAL A 228 -14.38 22.74 16.08
C VAL A 228 -13.39 22.08 17.04
N PRO A 229 -13.22 20.76 16.92
CA PRO A 229 -12.26 20.05 17.77
C PRO A 229 -10.87 20.16 17.15
N SER A 230 -9.91 20.58 17.98
CA SER A 230 -8.54 20.80 17.55
C SER A 230 -7.91 19.47 17.17
N PHE A 231 -6.75 19.53 16.55
CA PHE A 231 -6.11 18.31 16.06
C PHE A 231 -5.88 17.30 17.18
N ASP A 232 -5.44 17.73 18.35
CA ASP A 232 -5.26 16.80 19.45
C ASP A 232 -6.59 16.14 19.82
N GLU A 233 -7.65 16.94 19.86
CA GLU A 233 -8.97 16.43 20.21
C GLU A 233 -9.42 15.39 19.20
N ARG A 234 -9.22 15.65 17.92
CA ARG A 234 -9.63 14.69 16.90
C ARG A 234 -8.83 13.41 17.04
N THR A 235 -7.54 13.58 17.25
CA THR A 235 -6.61 12.48 17.37
C THR A 235 -6.86 11.62 18.60
N TYR A 236 -7.17 12.26 19.72
CA TYR A 236 -7.37 11.51 20.97
C TYR A 236 -8.18 10.26 20.77
N PHE A 237 -9.34 10.39 20.12
CA PHE A 237 -10.12 9.18 19.89
C PHE A 237 -9.49 8.23 18.88
N LEU A 238 -8.45 8.63 18.15
CA LEU A 238 -7.69 7.55 17.51
C LEU A 238 -6.58 6.98 18.41
N ARG A 239 -5.92 7.85 19.16
CA ARG A 239 -4.74 7.48 19.95
C ARG A 239 -5.06 6.50 21.06
N MET A 240 -6.31 6.44 21.52
CA MET A 240 -6.64 5.46 22.56
C MET A 240 -6.51 4.03 22.04
N ARG A 241 -7.10 3.73 20.89
CA ARG A 241 -6.98 2.39 20.32
C ARG A 241 -5.57 2.13 19.80
N LEU A 242 -4.90 3.15 19.26
CA LEU A 242 -3.51 3.00 18.84
C LEU A 242 -2.60 2.61 20.00
N ARG A 243 -2.77 3.29 21.14
CA ARG A 243 -1.99 2.98 22.33
C ARG A 243 -2.32 1.61 22.89
N LYS A 244 -3.59 1.19 22.79
CA LYS A 244 -3.97 -0.13 23.28
C LYS A 244 -3.30 -1.25 22.49
N ILE A 245 -3.43 -1.21 21.16
CA ILE A 245 -2.87 -2.29 20.35
C ILE A 245 -1.35 -2.27 20.40
N SER A 246 -0.75 -1.08 20.50
CA SER A 246 0.70 -1.00 20.67
C SER A 246 1.14 -1.59 22.01
N ARG A 247 0.29 -1.45 23.03
CA ARG A 247 0.61 -2.01 24.34
C ARG A 247 0.59 -3.53 24.31
N ARG A 248 -0.44 -4.13 23.70
CA ARG A 248 -0.50 -5.58 23.75
C ARG A 248 0.48 -6.25 22.79
N ILE A 249 0.85 -5.59 21.68
CA ILE A 249 1.94 -6.17 20.90
C ILE A 249 3.27 -5.97 21.60
N GLN A 250 3.38 -4.96 22.47
CA GLN A 250 4.60 -4.85 23.27
C GLN A 250 4.69 -6.00 24.27
N GLY A 251 3.56 -6.38 24.87
CA GLY A 251 3.56 -7.52 25.78
C GLY A 251 3.91 -8.84 25.11
N LEU A 252 3.34 -9.08 23.93
CA LEU A 252 3.69 -10.31 23.21
C LEU A 252 5.14 -10.30 22.72
N ALA A 253 5.67 -9.10 22.46
CA ALA A 253 7.10 -8.97 22.18
C ALA A 253 7.93 -9.38 23.39
N GLU A 254 7.46 -9.04 24.60
CA GLU A 254 8.19 -9.42 25.80
C GLU A 254 8.18 -10.93 26.02
N ILE A 255 7.08 -11.59 25.66
CA ILE A 255 7.05 -13.05 25.79
C ILE A 255 7.96 -13.71 24.74
N LYS A 256 8.09 -13.09 23.56
CA LYS A 256 9.08 -13.53 22.59
C LYS A 256 10.50 -13.39 23.15
N HIS A 257 10.75 -12.32 23.91
CA HIS A 257 12.03 -12.18 24.61
C HIS A 257 12.24 -13.29 25.64
N GLU A 258 11.16 -13.78 26.27
CA GLU A 258 11.29 -14.89 27.21
C GLU A 258 11.73 -16.18 26.53
N CYS A 259 11.13 -16.51 25.38
CA CYS A 259 11.59 -17.72 24.71
C CYS A 259 12.98 -17.55 24.09
N ASP A 260 13.39 -16.31 23.79
CA ASP A 260 14.78 -16.04 23.48
C ASP A 260 15.70 -16.39 24.64
N ALA A 261 15.26 -16.11 25.88
CA ALA A 261 16.04 -16.50 27.05
C ALA A 261 16.18 -18.02 27.17
N LEU A 262 15.12 -18.75 26.77
CA LEU A 262 15.23 -20.22 26.72
C LEU A 262 16.28 -20.66 25.70
N ALA A 263 16.29 -20.00 24.53
CA ALA A 263 17.24 -20.35 23.46
C ALA A 263 18.69 -20.16 23.90
N HIS A 264 18.99 -19.03 24.56
CA HIS A 264 20.39 -18.92 24.97
C HIS A 264 20.70 -19.75 26.20
N ARG A 265 19.68 -20.25 26.94
CA ARG A 265 19.99 -21.27 27.95
C ARG A 265 20.57 -22.50 27.29
N GLY A 266 19.90 -22.99 26.23
CA GLY A 266 20.43 -24.16 25.52
C GLY A 266 21.80 -23.93 24.92
N ALA A 267 22.00 -22.74 24.32
CA ALA A 267 23.29 -22.41 23.70
C ALA A 267 24.42 -22.36 24.73
N GLN A 268 24.16 -21.71 25.86
CA GLN A 268 25.19 -21.59 26.88
C GLN A 268 25.58 -22.97 27.42
N ARG A 269 24.60 -23.83 27.64
CA ARG A 269 24.87 -25.17 28.14
C ARG A 269 25.69 -26.03 27.18
N VAL A 270 25.35 -25.97 25.90
CA VAL A 270 26.06 -26.74 24.89
C VAL A 270 27.49 -26.27 24.76
N ALA A 271 27.68 -24.95 24.81
CA ALA A 271 28.99 -24.33 24.70
C ALA A 271 29.83 -24.51 25.97
N LEU A 272 29.19 -24.56 27.14
CA LEU A 272 29.93 -24.87 28.37
C LEU A 272 30.52 -26.27 28.34
N GLY A 273 29.74 -27.24 27.84
CA GLY A 273 30.28 -28.59 27.69
C GLY A 273 31.44 -28.67 26.73
N GLY A 274 31.36 -27.91 25.62
CA GLY A 274 32.47 -27.88 24.68
C GLY A 274 33.74 -27.27 25.25
N PHE A 275 33.58 -26.23 26.08
CA PHE A 275 34.74 -25.63 26.73
C PHE A 275 35.37 -26.58 27.73
N GLY A 276 34.55 -27.34 28.45
CA GLY A 276 35.11 -28.33 29.37
C GLY A 276 35.90 -29.42 28.67
N ILE A 277 35.39 -29.89 27.52
CA ILE A 277 36.11 -30.91 26.76
C ILE A 277 37.41 -30.34 26.19
N LEU A 278 37.40 -29.09 25.78
CA LEU A 278 38.63 -28.48 25.26
C LEU A 278 39.67 -28.27 26.37
N ALA A 279 39.23 -27.99 27.60
CA ALA A 279 40.15 -27.94 28.72
C ALA A 279 40.74 -29.31 29.02
N PHE A 280 39.91 -30.36 28.93
CA PHE A 280 40.38 -31.72 29.07
C PHE A 280 41.49 -32.06 28.06
N TRP A 281 41.29 -31.67 26.80
CA TRP A 281 42.28 -31.94 25.77
C TRP A 281 43.56 -31.15 25.98
N TRP A 282 43.44 -29.90 26.44
CA TRP A 282 44.64 -29.11 26.72
C TRP A 282 45.46 -29.70 27.84
N TYR A 283 44.79 -30.23 28.87
CA TYR A 283 45.54 -30.81 29.97
C TYR A 283 46.15 -32.15 29.60
N ILE A 284 45.45 -32.94 28.77
CA ILE A 284 46.02 -34.25 28.44
C ILE A 284 47.18 -34.11 27.47
N VAL A 285 47.16 -33.08 26.61
CA VAL A 285 48.28 -32.86 25.72
C VAL A 285 49.47 -32.29 26.49
N TYR A 286 49.20 -31.41 27.46
CA TYR A 286 50.31 -30.89 28.26
C TYR A 286 50.94 -31.98 29.14
N LYS A 287 50.10 -32.82 29.75
CA LYS A 287 50.63 -33.85 30.63
C LYS A 287 51.39 -34.92 29.85
N LEU A 288 50.86 -35.32 28.70
CA LEU A 288 51.61 -36.26 27.88
C LEU A 288 52.66 -35.59 27.01
N THR A 289 52.95 -34.31 27.21
CA THR A 289 53.99 -33.66 26.41
C THR A 289 55.15 -33.14 27.23
N PHE A 290 54.89 -32.39 28.30
CA PHE A 290 55.96 -31.76 29.07
C PHE A 290 56.67 -32.75 29.98
N GLU A 291 55.99 -33.82 30.38
CA GLU A 291 56.50 -34.76 31.38
C GLU A 291 57.73 -35.53 30.92
N THR A 292 57.98 -35.56 29.60
CA THR A 292 59.11 -36.24 28.95
C THR A 292 59.11 -37.73 29.28
N ASP A 293 57.91 -38.30 29.38
CA ASP A 293 57.77 -39.76 29.39
C ASP A 293 57.51 -40.28 27.99
N LEU A 294 56.70 -39.58 27.21
CA LEU A 294 56.67 -39.70 25.76
C LEU A 294 57.13 -38.38 25.18
N GLY A 295 58.01 -38.45 24.19
CA GLY A 295 58.47 -37.25 23.52
C GLY A 295 57.40 -36.65 22.64
N TRP A 296 57.79 -35.58 21.95
CA TRP A 296 56.83 -34.91 21.08
C TRP A 296 56.52 -35.72 19.85
N ASP A 297 57.51 -36.41 19.29
CA ASP A 297 57.33 -37.11 18.01
C ASP A 297 56.45 -38.35 18.12
N THR A 298 55.85 -38.68 19.26
CA THR A 298 54.72 -39.59 19.30
C THR A 298 53.42 -38.90 19.66
N MET A 299 53.46 -37.61 19.99
CA MET A 299 52.27 -36.82 20.24
C MET A 299 51.81 -36.01 19.04
N GLU A 300 52.72 -35.76 18.09
CA GLU A 300 52.41 -35.03 16.87
C GLU A 300 51.41 -35.70 15.90
N PRO A 301 51.55 -37.02 15.65
CA PRO A 301 50.58 -37.68 14.78
C PRO A 301 49.21 -37.83 15.42
N VAL A 302 49.15 -38.00 16.74
CA VAL A 302 47.86 -38.07 17.43
C VAL A 302 47.15 -36.72 17.33
N THR A 303 47.91 -35.62 17.33
CA THR A 303 47.34 -34.30 17.11
C THR A 303 46.77 -34.14 15.70
N TYR A 304 47.50 -34.59 14.67
CA TYR A 304 46.96 -34.48 13.30
C TYR A 304 45.73 -35.37 13.11
N LEU A 305 45.72 -36.55 13.74
CA LEU A 305 44.57 -37.44 13.67
C LEU A 305 43.34 -36.83 14.34
N VAL A 306 43.53 -36.20 15.50
CA VAL A 306 42.45 -35.51 16.19
C VAL A 306 41.95 -34.32 15.37
N SER A 307 42.86 -33.61 14.69
CA SER A 307 42.46 -32.50 13.84
C SER A 307 41.61 -32.96 12.65
N LEU A 308 41.93 -34.13 12.09
CA LEU A 308 41.05 -34.71 11.09
C LEU A 308 39.69 -35.07 11.67
N SER A 309 39.67 -35.57 12.91
CA SER A 309 38.40 -35.99 13.50
C SER A 309 37.49 -34.79 13.80
N THR A 310 38.05 -33.67 14.26
CA THR A 310 37.21 -32.50 14.48
C THR A 310 36.87 -31.77 13.18
N LEU A 311 37.65 -31.96 12.11
CA LEU A 311 37.18 -31.44 10.84
C LEU A 311 36.04 -32.29 10.30
N MET A 312 36.04 -33.59 10.62
CA MET A 312 34.89 -34.44 10.30
C MET A 312 33.65 -34.00 11.08
N GLY A 313 33.80 -33.75 12.39
CA GLY A 313 32.64 -33.33 13.18
C GLY A 313 32.09 -31.97 12.78
N GLY A 314 32.98 -31.05 12.40
CA GLY A 314 32.53 -29.81 11.81
C GLY A 314 31.84 -30.01 10.46
N TYR A 315 32.26 -31.05 9.73
CA TYR A 315 31.56 -31.39 8.50
C TYR A 315 30.21 -32.02 8.77
N LEU A 316 30.02 -32.64 9.95
CA LEU A 316 28.69 -33.05 10.39
C LEU A 316 27.80 -31.86 10.72
N TRP A 317 28.30 -30.91 11.52
CA TRP A 317 27.49 -29.77 11.92
C TRP A 317 27.22 -28.81 10.76
N PHE A 318 28.05 -28.80 9.72
CA PHE A 318 27.76 -27.97 8.56
C PHE A 318 26.61 -28.52 7.72
N LEU A 319 26.26 -29.79 7.91
CA LEU A 319 25.08 -30.37 7.28
C LEU A 319 23.79 -30.02 8.02
N TYR A 320 23.90 -29.63 9.29
CA TYR A 320 22.77 -29.60 10.22
C TYR A 320 21.78 -28.47 9.96
N HIS A 321 22.09 -27.52 9.09
CA HIS A 321 21.19 -26.39 8.85
C HIS A 321 19.99 -26.87 8.03
N ASN A 322 19.05 -27.51 8.74
CA ASN A 322 17.91 -28.13 8.07
C ASN A 322 16.85 -27.10 7.70
N ARG A 323 16.26 -26.46 8.69
CA ARG A 323 15.16 -25.52 8.47
C ARG A 323 15.59 -24.12 8.88
N GLU A 324 15.23 -23.15 8.05
CA GLU A 324 15.31 -21.74 8.40
C GLU A 324 14.03 -21.10 7.92
N ILE A 325 12.99 -21.18 8.73
CA ILE A 325 11.69 -20.63 8.38
C ILE A 325 11.65 -19.23 8.97
N SER A 326 12.00 -18.24 8.15
CA SER A 326 12.08 -16.85 8.57
C SER A 326 11.08 -16.00 7.80
N TYR A 327 10.92 -14.76 8.24
CA TYR A 327 10.00 -13.83 7.65
C TYR A 327 10.40 -12.40 8.01
N THR A 334 13.00 -13.20 10.20
CA THR A 334 13.04 -12.77 11.58
C THR A 334 12.61 -13.90 12.50
N ILE A 335 12.25 -15.03 11.89
CA ILE A 335 11.68 -16.16 12.61
C ILE A 335 12.67 -17.32 12.56
N ASN A 336 12.79 -18.05 13.66
CA ASN A 336 13.71 -19.15 13.79
C ASN A 336 13.04 -20.45 13.34
N ALA A 337 13.67 -21.57 13.62
CA ALA A 337 13.10 -22.89 13.33
C ALA A 337 12.94 -23.75 14.56
N ARG A 338 13.90 -23.68 15.49
CA ARG A 338 13.75 -24.35 16.78
C ARG A 338 12.64 -23.71 17.61
N GLN A 339 12.44 -22.41 17.46
CA GLN A 339 11.55 -21.64 18.32
C GLN A 339 10.12 -21.64 17.82
N LYS A 340 9.92 -21.84 16.51
CA LYS A 340 8.61 -21.68 15.89
C LYS A 340 7.61 -22.69 16.41
N LYS A 341 8.06 -23.94 16.59
CA LYS A 341 7.21 -24.91 17.26
C LYS A 341 7.19 -24.68 18.77
N LEU A 342 8.22 -24.02 19.31
CA LEU A 342 8.36 -23.90 20.75
C LEU A 342 7.31 -22.96 21.35
N TYR A 343 7.30 -21.70 20.91
CA TYR A 343 6.36 -20.77 21.54
C TYR A 343 5.00 -20.73 20.87
N GLN A 344 4.67 -21.68 20.01
CA GLN A 344 3.36 -21.76 19.39
C GLN A 344 2.57 -22.97 19.85
N MET A 345 3.18 -24.14 19.83
CA MET A 345 2.52 -25.38 20.23
C MET A 345 2.49 -25.55 21.75
N LYS A 346 3.12 -24.64 22.50
CA LYS A 346 2.97 -24.56 23.93
C LYS A 346 2.72 -23.13 24.42
N GLY A 347 2.96 -22.13 23.58
CA GLY A 347 2.86 -20.74 23.99
C GLY A 347 1.77 -19.96 23.27
N ILE A 348 2.10 -18.78 22.77
CA ILE A 348 1.12 -17.81 22.30
C ILE A 348 1.34 -17.58 20.80
N ASP A 349 0.26 -17.30 20.08
CA ASP A 349 0.19 -17.45 18.63
C ASP A 349 1.03 -16.41 17.89
N LEU A 350 0.99 -16.53 16.56
CA LEU A 350 1.71 -15.68 15.62
C LEU A 350 0.81 -15.14 14.52
N GLN A 351 -0.29 -15.84 14.20
CA GLN A 351 -1.32 -15.28 13.32
C GLN A 351 -1.93 -14.03 13.94
N VAL A 352 -2.21 -14.09 15.24
CA VAL A 352 -2.75 -12.94 15.97
C VAL A 352 -1.71 -11.82 16.03
N TRP A 353 -0.42 -12.18 16.10
CA TRP A 353 0.66 -11.20 16.06
C TRP A 353 0.66 -10.43 14.75
N GLU A 354 0.64 -11.14 13.62
CA GLU A 354 0.62 -10.46 12.32
C GLU A 354 -0.71 -9.76 12.06
N SER A 355 -1.80 -10.24 12.65
CA SER A 355 -3.08 -9.56 12.47
C SER A 355 -3.11 -8.24 13.24
N LEU A 356 -2.51 -8.22 14.43
CA LEU A 356 -2.41 -6.95 15.16
C LEU A 356 -1.42 -6.00 14.50
N ILE A 357 -0.42 -6.56 13.81
CA ILE A 357 0.44 -5.73 12.96
C ILE A 357 -0.40 -5.10 11.85
N ASP A 358 -1.23 -5.90 11.19
CA ASP A 358 -2.01 -5.42 10.05
C ASP A 358 -3.05 -4.39 10.47
N GLU A 359 -3.77 -4.66 11.56
CA GLU A 359 -4.75 -3.71 12.07
C GLU A 359 -4.08 -2.51 12.73
N ALA A 360 -2.81 -2.63 13.11
CA ALA A 360 -2.12 -1.51 13.73
C ALA A 360 -1.50 -0.56 12.71
N ASN A 361 -1.16 -1.06 11.52
CA ASN A 361 -0.49 -0.20 10.55
C ASN A 361 -1.43 0.79 9.88
N ALA A 362 -2.73 0.55 9.96
CA ALA A 362 -3.67 1.39 9.21
C ALA A 362 -3.88 2.74 9.87
N ILE A 363 -3.99 2.76 11.20
CA ILE A 363 -4.46 3.92 11.93
C ILE A 363 -3.44 5.05 11.90
N ARG A 364 -2.15 4.70 11.85
CA ARG A 364 -1.09 5.70 11.88
C ARG A 364 -1.10 6.57 10.63
N ARG A 365 -1.49 6.00 9.49
CA ARG A 365 -1.61 6.79 8.28
C ARG A 365 -2.76 7.76 8.35
N GLU A 366 -3.87 7.37 9.00
CA GLU A 366 -4.99 8.29 9.15
C GLU A 366 -4.65 9.43 10.09
N ILE A 367 -3.97 9.12 11.19
CA ILE A 367 -3.57 10.15 12.14
C ILE A 367 -2.55 11.09 11.51
N LYS A 368 -1.69 10.58 10.64
CA LYS A 368 -0.76 11.46 9.96
C LYS A 368 -1.40 12.25 8.83
N ASN A 369 -2.49 11.76 8.24
CA ASN A 369 -3.21 12.54 7.23
C ASN A 369 -3.94 13.71 7.87
N ILE A 370 -4.68 13.44 8.94
CA ILE A 370 -5.35 14.49 9.71
C ILE A 370 -4.32 15.43 10.32
N ALA A 371 -3.15 14.89 10.69
CA ALA A 371 -2.05 15.72 11.19
C ALA A 371 -1.50 16.62 10.09
N ALA A 372 -1.50 16.13 8.85
CA ALA A 372 -1.17 16.99 7.72
C ALA A 372 -2.22 18.07 7.50
N GLU A 373 -3.47 17.79 7.87
CA GLU A 373 -4.53 18.77 7.66
C GLU A 373 -4.48 19.90 8.69
N TYR A 374 -3.75 19.72 9.79
CA TYR A 374 -3.80 20.70 10.87
C TYR A 374 -2.52 21.49 11.08
N ASP A 375 -1.49 21.28 10.25
CA ASP A 375 -0.19 21.98 10.33
C ASP A 375 0.51 21.76 11.67
N VAL A 376 0.27 20.61 12.27
CA VAL A 376 0.82 20.28 13.57
C VAL A 376 1.64 19.01 13.44
N ASP A 377 2.85 19.04 13.96
CA ASP A 377 3.81 17.96 13.84
C ASP A 377 3.36 16.78 14.69
N TRP A 378 3.06 15.66 14.05
CA TRP A 378 2.74 14.43 14.77
C TRP A 378 4.03 13.70 15.14
N ASP A 379 4.28 13.58 16.44
CA ASP A 379 5.43 12.83 16.95
C ASP A 379 4.93 11.78 17.94
N GLU A 380 5.17 10.51 17.63
CA GLU A 380 4.79 9.43 18.53
C GLU A 380 5.72 9.32 19.73
N ARG A 381 6.90 9.94 19.64
CA ARG A 381 7.78 9.98 20.80
C ARG A 381 7.38 11.04 21.81
N LYS A 382 6.55 12.00 21.39
CA LYS A 382 5.90 12.87 22.35
C LYS A 382 4.69 12.22 23.01
N ASP A 383 4.30 11.03 22.55
CA ASP A 383 3.38 10.18 23.27
C ASP A 383 4.07 8.95 23.84
N GLU A 384 5.39 8.87 23.73
CA GLU A 384 6.13 7.89 24.52
C GLU A 384 6.03 8.21 26.00
N GLN A 385 5.89 9.49 26.33
CA GLN A 385 5.78 9.98 27.69
C GLN A 385 4.43 9.72 28.31
N ASP A 386 3.44 9.30 27.53
CA ASP A 386 2.10 9.05 28.03
C ASP A 386 1.83 7.59 28.35
N ASP A 387 2.78 6.71 28.07
CA ASP A 387 2.66 5.29 28.41
C ASP A 387 3.13 4.98 29.83
N ARG A 388 3.42 5.99 30.63
CA ARG A 388 4.05 5.78 31.93
C ARG A 388 3.30 6.42 33.08
N VAL A 389 2.72 7.60 32.89
CA VAL A 389 1.93 8.24 33.94
C VAL A 389 0.56 8.60 33.39
N ASP B 52 -19.38 44.66 -12.17
CA ASP B 52 -18.59 45.15 -11.06
C ASP B 52 -18.18 43.96 -10.18
N THR B 53 -19.00 42.91 -10.20
CA THR B 53 -18.70 41.66 -9.54
C THR B 53 -18.84 40.52 -10.54
N ILE B 54 -18.21 40.70 -11.69
CA ILE B 54 -18.00 39.60 -12.63
C ILE B 54 -16.67 38.90 -12.38
N ALA B 55 -16.03 39.20 -11.25
CA ALA B 55 -14.75 38.62 -10.89
C ALA B 55 -14.97 37.29 -10.17
N GLY B 56 -13.88 36.67 -9.74
CA GLY B 56 -13.95 35.41 -9.06
C GLY B 56 -12.57 34.79 -8.98
N LYS B 57 -12.39 33.84 -8.06
CA LYS B 57 -11.11 33.16 -7.91
C LYS B 57 -11.31 31.73 -7.43
N LEU B 58 -10.34 30.88 -7.70
CA LEU B 58 -10.36 29.49 -7.27
C LEU B 58 -9.10 29.29 -6.42
N LEU B 59 -9.23 28.67 -5.25
CA LEU B 59 -8.08 28.48 -4.37
C LEU B 59 -7.82 27.02 -4.03
N THR B 60 -6.54 26.63 -4.01
CA THR B 60 -6.22 25.25 -3.70
C THR B 60 -6.16 25.06 -2.19
N THR B 61 -6.87 24.05 -1.71
CA THR B 61 -6.81 23.68 -0.32
C THR B 61 -5.48 23.02 -0.01
N PRO B 62 -5.06 22.99 1.26
CA PRO B 62 -3.93 22.12 1.62
C PRO B 62 -4.24 20.65 1.47
N SER B 63 -5.51 20.27 1.45
CA SER B 63 -5.92 18.92 1.12
C SER B 63 -5.91 18.68 -0.38
N ARG B 64 -6.53 17.59 -0.82
CA ARG B 64 -6.46 17.20 -2.22
C ARG B 64 -7.40 18.00 -3.10
N LEU B 65 -8.62 18.26 -2.64
CA LEU B 65 -9.67 18.83 -3.47
C LEU B 65 -9.84 20.32 -3.22
N PHE B 66 -9.98 21.08 -4.30
CA PHE B 66 -9.90 22.54 -4.24
C PHE B 66 -11.22 23.19 -4.61
N LYS B 67 -11.32 24.48 -4.30
CA LYS B 67 -12.59 25.21 -4.36
C LYS B 67 -12.48 26.44 -5.23
N LEU B 68 -13.64 26.91 -5.70
CA LEU B 68 -13.73 28.14 -6.47
C LEU B 68 -14.75 29.05 -5.82
N LEU B 69 -14.68 30.33 -6.18
CA LEU B 69 -15.54 31.35 -5.59
C LEU B 69 -16.17 32.18 -6.70
N ILE B 70 -17.48 32.09 -6.82
CA ILE B 70 -18.23 32.73 -7.89
C ILE B 70 -19.36 33.59 -7.35
N PRO B 71 -19.66 34.71 -7.97
CA PRO B 71 -20.75 35.58 -7.53
C PRO B 71 -22.08 35.11 -8.10
N LEU B 72 -22.96 34.62 -7.25
CA LEU B 72 -24.27 34.18 -7.70
C LEU B 72 -25.38 34.70 -6.80
N THR B 73 -26.62 34.42 -7.21
CA THR B 73 -27.84 34.78 -6.50
C THR B 73 -28.58 33.49 -6.19
N THR B 74 -28.75 33.16 -4.91
CA THR B 74 -29.25 31.83 -4.58
C THR B 74 -30.77 31.73 -4.66
N ILE B 75 -31.48 32.41 -3.75
CA ILE B 75 -32.93 32.26 -3.70
C ILE B 75 -33.62 33.60 -3.83
N ASN B 76 -33.41 34.48 -2.86
CA ASN B 76 -33.89 35.85 -2.94
C ASN B 76 -32.92 36.70 -2.14
N ARG B 77 -31.90 37.22 -2.82
CA ARG B 77 -30.88 38.00 -2.16
C ARG B 77 -30.57 39.24 -2.97
N LYS B 78 -29.57 40.00 -2.54
CA LYS B 78 -28.96 41.00 -3.38
C LYS B 78 -28.00 40.30 -4.33
N ASP B 79 -27.76 40.94 -5.49
CA ASP B 79 -27.15 40.27 -6.63
C ASP B 79 -25.72 39.83 -6.42
N ILE B 80 -25.03 40.38 -5.42
CA ILE B 80 -23.63 40.06 -5.19
C ILE B 80 -23.52 39.23 -3.93
N GLU B 81 -22.91 38.06 -4.06
CA GLU B 81 -22.65 37.15 -2.95
C GLU B 81 -21.65 36.10 -3.42
N GLN B 82 -20.53 35.95 -2.71
CA GLN B 82 -19.61 34.87 -3.03
C GLN B 82 -20.20 33.59 -2.49
N ILE B 83 -20.09 32.51 -3.26
CA ILE B 83 -20.52 31.19 -2.80
C ILE B 83 -19.39 30.22 -3.06
N ALA B 84 -19.06 29.41 -2.05
CA ALA B 84 -17.95 28.47 -2.12
C ALA B 84 -18.44 27.08 -2.49
N ILE B 85 -17.71 26.46 -3.41
CA ILE B 85 -18.08 25.16 -3.99
C ILE B 85 -16.84 24.29 -4.03
N LEU B 86 -16.94 23.09 -3.43
CA LEU B 86 -15.81 22.18 -3.34
C LEU B 86 -15.83 21.14 -4.45
N ILE B 87 -14.66 20.93 -5.06
CA ILE B 87 -14.50 20.22 -6.32
C ILE B 87 -13.35 19.24 -6.19
N HIS B 88 -13.59 17.97 -6.52
CA HIS B 88 -12.40 17.14 -6.65
C HIS B 88 -11.91 17.13 -8.10
N PRO B 89 -10.61 17.20 -8.38
CA PRO B 89 -10.15 17.33 -9.77
C PRO B 89 -10.15 16.04 -10.58
N GLN B 90 -10.76 14.98 -10.09
CA GLN B 90 -11.06 13.80 -10.91
C GLN B 90 -12.53 13.75 -11.32
N GLN B 91 -13.35 14.63 -10.80
CA GLN B 91 -14.73 14.72 -11.20
C GLN B 91 -14.82 15.24 -12.63
N PRO B 92 -15.89 14.93 -13.34
CA PRO B 92 -16.07 15.51 -14.67
C PRO B 92 -16.48 16.96 -14.55
N LEU B 93 -16.49 17.62 -15.70
CA LEU B 93 -16.93 19.00 -15.81
C LEU B 93 -18.44 19.12 -15.55
N SER B 94 -19.21 18.16 -16.06
CA SER B 94 -20.66 18.20 -15.91
C SER B 94 -21.12 18.18 -14.46
N HIS B 95 -20.29 17.66 -13.56
CA HIS B 95 -20.61 17.68 -12.15
C HIS B 95 -20.61 19.11 -11.62
N LEU B 96 -19.57 19.87 -11.94
CA LEU B 96 -19.53 21.29 -11.59
C LEU B 96 -20.66 22.05 -12.25
N GLU B 97 -21.00 21.68 -13.49
CA GLU B 97 -22.18 22.23 -14.15
C GLU B 97 -23.44 21.99 -13.33
N ARG B 98 -23.54 20.82 -12.70
CA ARG B 98 -24.73 20.52 -11.91
C ARG B 98 -24.74 21.31 -10.61
N LEU B 99 -23.57 21.46 -9.97
CA LEU B 99 -23.52 22.19 -8.70
C LEU B 99 -23.78 23.67 -8.88
N ILE B 100 -23.40 24.25 -10.02
CA ILE B 100 -23.79 25.62 -10.27
C ILE B 100 -25.27 25.69 -10.64
N GLN B 101 -25.81 24.63 -11.27
CA GLN B 101 -27.26 24.61 -11.50
C GLN B 101 -28.08 24.49 -10.23
N SER B 102 -27.49 24.04 -9.12
CA SER B 102 -28.29 23.86 -7.90
C SER B 102 -28.67 25.19 -7.26
N GLU B 103 -27.76 26.16 -7.22
CA GLU B 103 -27.96 27.39 -6.47
C GLU B 103 -28.01 28.58 -7.43
N VAL B 104 -29.16 28.77 -8.06
CA VAL B 104 -29.51 29.85 -9.00
C VAL B 104 -30.99 29.63 -9.26
N PRO B 105 -31.81 30.67 -9.43
CA PRO B 105 -33.23 30.43 -9.70
C PRO B 105 -33.45 29.90 -11.11
N PRO B 106 -34.54 29.16 -11.33
CA PRO B 106 -34.83 28.62 -12.67
C PRO B 106 -35.15 29.66 -13.72
N ILE B 107 -35.35 29.22 -14.96
CA ILE B 107 -35.59 30.09 -16.09
C ILE B 107 -36.88 29.66 -16.75
N GLU B 108 -37.85 30.57 -16.82
CA GLU B 108 -39.11 30.30 -17.49
C GLU B 108 -38.89 30.40 -19.00
N ASP B 109 -39.03 29.28 -19.71
CA ASP B 109 -38.95 29.28 -21.17
C ASP B 109 -40.23 28.66 -21.72
N GLU B 110 -41.30 29.46 -21.74
CA GLU B 110 -42.48 29.39 -22.61
C GLU B 110 -42.98 28.00 -22.98
N ASN B 111 -43.38 27.20 -21.97
CA ASN B 111 -43.91 25.85 -22.13
C ASN B 111 -42.90 24.93 -22.83
N GLY B 112 -41.84 24.58 -22.09
CA GLY B 112 -41.85 24.60 -20.63
C GLY B 112 -40.67 25.20 -19.89
N GLN B 113 -40.94 25.61 -18.66
CA GLN B 113 -39.92 26.18 -17.78
C GLN B 113 -38.89 25.12 -17.41
N LYS B 114 -37.68 25.25 -17.93
CA LYS B 114 -36.58 24.42 -17.46
C LYS B 114 -36.22 24.83 -16.04
N ARG B 115 -36.35 23.89 -15.11
CA ARG B 115 -35.96 24.14 -13.75
C ARG B 115 -34.45 24.35 -13.58
N PRO B 116 -33.55 23.71 -14.33
CA PRO B 116 -32.17 24.17 -14.30
C PRO B 116 -31.89 25.15 -15.42
N PRO B 117 -30.99 26.09 -15.20
CA PRO B 117 -30.36 26.79 -16.33
C PRO B 117 -29.28 25.93 -16.98
N PHE B 118 -28.55 26.52 -17.92
CA PHE B 118 -27.47 25.82 -18.61
C PHE B 118 -26.26 26.73 -18.63
N VAL B 119 -25.14 26.24 -18.11
CA VAL B 119 -23.91 27.01 -18.09
C VAL B 119 -22.94 26.37 -19.08
N SER B 120 -21.90 27.10 -19.45
CA SER B 120 -21.07 26.69 -20.55
C SER B 120 -19.64 27.12 -20.30
N PHE B 121 -18.77 26.16 -20.02
CA PHE B 121 -17.42 26.47 -19.56
C PHE B 121 -16.49 26.75 -20.74
N ILE B 122 -16.77 27.86 -21.43
CA ILE B 122 -15.88 28.26 -22.51
C ILE B 122 -14.56 28.76 -21.93
N ALA B 123 -13.54 28.79 -22.78
CA ALA B 123 -12.21 29.15 -22.29
C ALA B 123 -11.45 29.81 -23.44
N LEU B 124 -10.13 29.88 -23.30
CA LEU B 124 -9.31 30.27 -24.42
C LEU B 124 -8.77 28.99 -25.06
N ARG B 187 -10.86 35.08 -29.19
CA ARG B 187 -10.51 33.68 -29.42
C ARG B 187 -11.09 32.80 -28.32
N PHE B 188 -12.30 32.29 -28.54
CA PHE B 188 -13.00 31.47 -27.57
C PHE B 188 -13.27 30.08 -28.12
N ILE B 189 -13.05 29.08 -27.28
CA ILE B 189 -13.18 27.67 -27.62
C ILE B 189 -14.07 27.07 -26.56
N ARG B 190 -15.26 26.63 -26.94
CA ARG B 190 -16.12 25.98 -25.96
C ARG B 190 -15.58 24.61 -25.66
N TRP B 191 -15.63 24.21 -24.40
CA TRP B 191 -15.12 22.93 -23.97
C TRP B 191 -16.29 22.01 -23.63
N SER B 192 -16.16 20.76 -24.07
CA SER B 192 -17.22 19.79 -23.89
C SER B 192 -17.33 19.38 -22.43
N GLN B 193 -18.53 18.98 -22.03
CA GLN B 193 -18.79 18.59 -20.65
C GLN B 193 -18.47 17.13 -20.40
N SER B 194 -17.25 16.73 -20.73
CA SER B 194 -16.74 15.45 -20.27
C SER B 194 -15.26 15.48 -19.93
N THR B 195 -14.59 16.62 -20.01
CA THR B 195 -13.17 16.67 -19.72
C THR B 195 -12.94 16.64 -18.21
N GLU B 196 -11.71 16.32 -17.84
CA GLU B 196 -11.35 16.38 -16.44
C GLU B 196 -11.16 17.83 -16.01
N ILE B 197 -11.51 18.08 -14.75
CA ILE B 197 -11.33 19.42 -14.22
C ILE B 197 -9.86 19.74 -14.08
N GLY B 198 -9.03 18.73 -13.77
CA GLY B 198 -7.59 18.93 -13.75
C GLY B 198 -7.02 19.32 -15.10
N ASP B 199 -7.58 18.78 -16.17
CA ASP B 199 -7.11 19.15 -17.50
C ASP B 199 -7.62 20.53 -17.91
N PHE B 200 -8.83 20.88 -17.49
CA PHE B 200 -9.35 22.19 -17.85
C PHE B 200 -8.66 23.30 -17.08
N ILE B 201 -8.30 23.03 -15.82
CA ILE B 201 -7.43 23.91 -15.05
C ILE B 201 -6.00 23.88 -15.61
N ARG B 202 -5.61 22.81 -16.32
CA ARG B 202 -4.28 22.78 -16.91
C ARG B 202 -4.18 23.73 -18.10
N ASP B 203 -5.03 23.53 -19.11
CA ASP B 203 -4.96 24.37 -20.31
C ASP B 203 -5.42 25.79 -20.02
N ALA B 204 -6.43 25.94 -19.16
CA ALA B 204 -6.81 27.27 -18.72
C ALA B 204 -5.74 27.91 -17.86
N ALA B 205 -4.94 27.09 -17.16
CA ALA B 205 -3.84 27.61 -16.35
C ALA B 205 -2.73 28.14 -17.22
N ARG B 206 -2.52 27.53 -18.38
CA ARG B 206 -1.68 28.20 -19.37
C ARG B 206 -2.34 29.48 -19.87
N ALA B 207 -3.66 29.47 -20.04
CA ALA B 207 -4.36 30.64 -20.56
C ALA B 207 -4.48 31.77 -19.54
N LYS B 208 -4.51 31.43 -18.24
CA LYS B 208 -4.71 32.36 -17.12
C LYS B 208 -6.06 33.09 -17.27
N GLU B 209 -7.11 32.32 -17.56
CA GLU B 209 -8.47 32.82 -17.74
C GLU B 209 -9.41 31.62 -17.71
N PHE B 210 -10.69 31.89 -17.46
CA PHE B 210 -11.68 30.86 -17.18
C PHE B 210 -13.02 31.57 -17.27
N ILE B 211 -13.96 31.11 -18.08
CA ILE B 211 -15.20 31.84 -18.29
C ILE B 211 -16.38 30.91 -18.12
N VAL B 212 -17.25 31.22 -17.18
CA VAL B 212 -18.53 30.54 -17.03
C VAL B 212 -19.62 31.50 -17.50
N THR B 213 -20.53 31.02 -18.32
CA THR B 213 -21.53 31.89 -18.95
C THR B 213 -22.90 31.26 -18.78
N ILE B 214 -23.64 31.70 -17.76
CA ILE B 214 -25.02 31.27 -17.61
C ILE B 214 -25.85 31.95 -18.69
N GLU B 215 -26.73 31.19 -19.34
CA GLU B 215 -27.54 31.75 -20.40
C GLU B 215 -28.42 32.90 -19.91
N GLY B 216 -29.04 32.73 -18.75
CA GLY B 216 -29.89 33.78 -18.19
C GLY B 216 -29.05 34.94 -17.70
N ALA B 217 -29.44 36.16 -18.04
CA ALA B 217 -28.72 37.35 -17.55
C ALA B 217 -29.70 38.22 -16.76
N PRO B 218 -29.39 38.49 -15.48
CA PRO B 218 -30.33 39.28 -14.68
C PRO B 218 -30.57 40.72 -15.10
N ALA B 219 -29.52 41.50 -15.36
CA ALA B 219 -29.68 42.89 -15.79
C ALA B 219 -28.48 43.43 -16.55
N GLY B 220 -28.22 42.91 -17.74
CA GLY B 220 -27.10 43.37 -18.55
C GLY B 220 -25.73 42.78 -18.19
N LEU B 221 -25.72 41.88 -17.21
CA LEU B 221 -24.51 41.21 -16.78
C LEU B 221 -24.80 39.76 -17.07
N GLU B 222 -23.88 39.08 -17.74
CA GLU B 222 -24.13 37.70 -18.11
C GLU B 222 -22.86 36.89 -18.10
N GLN B 223 -21.74 37.53 -17.76
CA GLN B 223 -20.49 36.78 -17.78
C GLN B 223 -19.85 36.64 -16.39
N ILE B 224 -18.89 35.73 -16.28
CA ILE B 224 -18.15 35.55 -15.03
C ILE B 224 -16.73 35.11 -15.36
N HIS B 225 -15.74 35.84 -14.88
CA HIS B 225 -14.36 35.45 -15.05
C HIS B 225 -13.81 35.03 -13.70
N VAL B 226 -13.22 33.84 -13.62
CA VAL B 226 -12.47 33.48 -12.43
C VAL B 226 -11.00 33.42 -12.85
N ALA B 227 -10.11 33.61 -11.89
CA ALA B 227 -8.68 33.71 -12.17
C ALA B 227 -8.00 32.44 -11.66
N VAL B 228 -7.59 31.59 -12.60
CA VAL B 228 -6.96 30.30 -12.29
C VAL B 228 -5.60 30.56 -11.66
N PRO B 229 -5.29 29.97 -10.51
CA PRO B 229 -4.06 30.31 -9.81
C PRO B 229 -2.87 29.59 -10.44
N SER B 230 -1.72 29.75 -9.82
CA SER B 230 -0.48 29.31 -10.44
C SER B 230 0.17 28.20 -9.64
N PHE B 231 1.18 27.62 -10.28
CA PHE B 231 2.06 26.65 -9.65
C PHE B 231 2.81 27.25 -8.47
N ASP B 232 2.97 28.57 -8.43
CA ASP B 232 3.59 29.20 -7.27
C ASP B 232 2.78 28.95 -6.00
N GLU B 233 1.47 29.23 -6.05
CA GLU B 233 0.69 29.03 -4.85
C GLU B 233 0.42 27.54 -4.60
N ARG B 234 0.15 26.79 -5.68
CA ARG B 234 -0.18 25.39 -5.55
C ARG B 234 1.01 24.59 -5.05
N THR B 235 2.15 24.81 -5.67
CA THR B 235 3.34 24.17 -5.17
C THR B 235 4.02 24.96 -4.06
N TYR B 236 3.41 25.98 -3.44
CA TYR B 236 3.92 26.17 -2.09
C TYR B 236 3.03 25.48 -1.08
N PHE B 237 1.80 25.14 -1.45
CA PHE B 237 1.16 24.08 -0.67
C PHE B 237 1.78 22.71 -0.88
N LEU B 238 2.67 22.54 -1.86
CA LEU B 238 3.55 21.37 -1.82
C LEU B 238 4.96 21.67 -1.27
N ARG B 239 5.49 22.87 -1.55
CA ARG B 239 6.82 23.24 -1.09
C ARG B 239 6.96 23.34 0.42
N MET B 240 5.88 23.65 1.14
CA MET B 240 6.00 23.67 2.61
C MET B 240 6.29 22.27 3.13
N ARG B 241 5.63 21.27 2.54
CA ARG B 241 5.85 19.88 2.91
C ARG B 241 7.25 19.42 2.52
N LEU B 242 7.67 19.74 1.28
CA LEU B 242 8.98 19.28 0.81
C LEU B 242 10.11 19.94 1.57
N ARG B 243 9.96 21.22 1.93
CA ARG B 243 11.00 21.91 2.70
C ARG B 243 11.11 21.32 4.10
N LYS B 244 9.97 21.01 4.73
CA LYS B 244 10.01 20.42 6.06
C LYS B 244 10.65 19.05 6.06
N ILE B 245 10.32 18.22 5.06
CA ILE B 245 10.90 16.88 5.05
C ILE B 245 12.37 16.92 4.62
N SER B 246 12.77 17.94 3.87
CA SER B 246 14.17 18.09 3.52
C SER B 246 15.01 18.49 4.72
N ARG B 247 14.45 19.33 5.58
CA ARG B 247 15.16 19.72 6.81
C ARG B 247 15.32 18.54 7.75
N ARG B 248 14.23 17.77 7.94
CA ARG B 248 14.27 16.59 8.81
C ARG B 248 15.28 15.56 8.34
N ILE B 249 15.25 15.26 7.03
CA ILE B 249 16.19 14.32 6.44
C ILE B 249 17.64 14.80 6.55
N GLN B 250 17.86 16.11 6.42
CA GLN B 250 19.21 16.64 6.47
C GLN B 250 19.81 16.48 7.87
N GLY B 251 19.06 16.90 8.90
CA GLY B 251 19.58 16.81 10.26
C GLY B 251 19.83 15.38 10.71
N LEU B 252 18.86 14.49 10.44
CA LEU B 252 19.02 13.09 10.83
C LEU B 252 20.16 12.42 10.06
N ALA B 253 20.39 12.87 8.81
CA ALA B 253 21.48 12.36 8.01
C ALA B 253 22.84 12.66 8.63
N GLU B 254 23.06 13.92 9.00
CA GLU B 254 24.39 14.27 9.47
C GLU B 254 24.67 13.72 10.87
N ILE B 255 23.63 13.56 11.69
CA ILE B 255 23.83 12.90 12.98
C ILE B 255 24.21 11.43 12.80
N LYS B 256 23.56 10.74 11.85
CA LYS B 256 23.91 9.33 11.60
C LYS B 256 25.33 9.19 11.05
N HIS B 257 25.76 10.14 10.21
CA HIS B 257 27.13 10.11 9.69
C HIS B 257 28.17 10.27 10.79
N GLU B 258 27.94 11.22 11.70
CA GLU B 258 28.82 11.35 12.86
C GLU B 258 28.85 10.07 13.68
N CYS B 259 27.69 9.44 13.86
CA CYS B 259 27.62 8.19 14.58
C CYS B 259 28.39 7.14 13.82
N ASP B 260 28.23 7.17 12.49
CA ASP B 260 28.91 6.24 11.60
C ASP B 260 30.42 6.40 11.70
N ALA B 261 30.87 7.65 11.75
CA ALA B 261 32.29 7.95 11.88
C ALA B 261 32.82 7.45 13.21
N LEU B 262 32.02 7.63 14.26
CA LEU B 262 32.39 7.22 15.61
C LEU B 262 32.64 5.72 15.78
N ALA B 263 31.79 4.89 15.16
CA ALA B 263 31.98 3.44 15.31
C ALA B 263 33.32 2.99 14.72
N HIS B 264 33.68 3.52 13.54
CA HIS B 264 34.89 3.04 12.90
C HIS B 264 36.16 3.43 13.63
N ARG B 265 36.15 4.48 14.46
CA ARG B 265 37.34 4.78 15.26
C ARG B 265 37.63 3.68 16.29
N GLY B 266 36.58 3.21 16.98
CA GLY B 266 36.78 2.14 17.94
C GLY B 266 37.13 0.81 17.29
N ALA B 267 36.55 0.56 16.11
CA ALA B 267 36.88 -0.67 15.37
C ALA B 267 38.34 -0.70 14.95
N GLN B 268 38.86 0.42 14.42
CA GLN B 268 40.26 0.42 14.00
C GLN B 268 41.22 0.41 15.19
N ARG B 269 40.82 0.97 16.34
CA ARG B 269 41.68 0.88 17.52
C ARG B 269 41.82 -0.57 18.00
N VAL B 270 40.69 -1.30 18.07
CA VAL B 270 40.75 -2.68 18.58
C VAL B 270 41.47 -3.59 17.58
N ALA B 271 41.20 -3.41 16.28
CA ALA B 271 41.88 -4.22 15.27
C ALA B 271 43.38 -3.94 15.22
N LEU B 272 43.76 -2.68 15.41
CA LEU B 272 45.18 -2.33 15.38
C LEU B 272 45.92 -2.88 16.59
N GLY B 273 45.25 -2.92 17.75
CA GLY B 273 45.85 -3.58 18.91
C GLY B 273 46.05 -5.08 18.70
N GLY B 274 45.03 -5.74 18.12
CA GLY B 274 45.16 -7.17 17.85
C GLY B 274 46.26 -7.51 16.87
N PHE B 275 46.43 -6.68 15.84
CA PHE B 275 47.56 -6.86 14.93
C PHE B 275 48.89 -6.57 15.63
N GLY B 276 48.87 -5.68 16.63
CA GLY B 276 50.07 -5.45 17.41
C GLY B 276 50.54 -6.68 18.17
N ILE B 277 49.63 -7.32 18.91
CA ILE B 277 50.05 -8.48 19.69
C ILE B 277 50.35 -9.68 18.80
N LEU B 278 49.63 -9.82 17.67
CA LEU B 278 49.91 -10.98 16.83
C LEU B 278 51.23 -10.80 16.07
N ALA B 279 51.57 -9.56 15.71
CA ALA B 279 52.90 -9.29 15.16
C ALA B 279 54.00 -9.56 16.18
N PHE B 280 53.70 -9.30 17.46
CA PHE B 280 54.62 -9.71 18.51
C PHE B 280 54.78 -11.22 18.55
N TRP B 281 53.70 -11.95 18.29
CA TRP B 281 53.81 -13.41 18.23
C TRP B 281 54.60 -13.88 17.01
N TRP B 282 54.65 -13.09 15.94
CA TRP B 282 55.57 -13.41 14.85
C TRP B 282 57.02 -13.26 15.30
N TYR B 283 57.33 -12.12 15.92
CA TYR B 283 58.71 -11.80 16.29
C TYR B 283 59.26 -12.75 17.34
N ILE B 284 58.42 -13.20 18.27
CA ILE B 284 58.96 -14.01 19.36
C ILE B 284 59.29 -15.44 18.89
N VAL B 285 58.59 -15.93 17.86
CA VAL B 285 58.81 -17.29 17.38
C VAL B 285 59.89 -17.31 16.30
N TYR B 286 60.05 -16.20 15.57
CA TYR B 286 61.26 -16.02 14.77
C TYR B 286 62.50 -16.04 15.65
N LYS B 287 62.52 -15.19 16.67
CA LYS B 287 63.77 -14.97 17.39
C LYS B 287 64.06 -16.08 18.41
N LEU B 288 63.05 -16.74 18.96
CA LEU B 288 63.33 -17.79 19.95
C LEU B 288 63.99 -19.02 19.33
N THR B 289 63.55 -19.47 18.17
CA THR B 289 64.03 -20.73 17.64
C THR B 289 64.74 -20.66 16.31
N PHE B 290 64.71 -19.53 15.61
CA PHE B 290 65.43 -19.54 14.35
C PHE B 290 66.89 -19.17 14.53
N GLU B 291 67.24 -18.42 15.57
CA GLU B 291 68.59 -17.93 15.75
C GLU B 291 69.17 -18.17 17.13
N THR B 292 68.43 -18.81 18.03
CA THR B 292 68.79 -18.77 19.44
C THR B 292 68.86 -20.21 19.98
N ASP B 293 68.91 -20.38 21.31
CA ASP B 293 69.43 -21.61 21.90
C ASP B 293 68.42 -22.74 21.84
N LEU B 294 67.15 -22.46 22.10
CA LEU B 294 66.13 -23.51 22.09
C LEU B 294 65.80 -23.91 20.66
N GLY B 295 65.78 -25.20 20.39
CA GLY B 295 65.51 -25.67 19.04
C GLY B 295 64.03 -25.78 18.75
N TRP B 296 63.72 -26.10 17.50
CA TRP B 296 62.33 -26.26 17.07
C TRP B 296 61.66 -27.44 17.76
N ASP B 297 62.43 -28.46 18.12
CA ASP B 297 61.92 -29.58 18.88
C ASP B 297 61.49 -29.15 20.28
N THR B 298 62.14 -28.13 20.83
CA THR B 298 61.76 -27.52 22.08
C THR B 298 60.83 -26.33 21.89
N MET B 299 60.22 -26.21 20.72
CA MET B 299 59.45 -25.03 20.37
C MET B 299 58.06 -25.40 19.87
N GLU B 300 57.92 -26.62 19.36
CA GLU B 300 56.65 -27.08 18.77
C GLU B 300 55.46 -27.09 19.73
N PRO B 301 55.64 -27.60 20.95
CA PRO B 301 54.49 -27.52 21.86
C PRO B 301 54.20 -26.11 22.33
N VAL B 302 55.15 -25.17 22.23
CA VAL B 302 54.81 -23.78 22.49
C VAL B 302 53.87 -23.26 21.41
N THR B 303 54.08 -23.66 20.17
CA THR B 303 53.22 -23.21 19.08
C THR B 303 51.84 -23.85 19.18
N TYR B 304 51.77 -25.17 19.31
CA TYR B 304 50.47 -25.83 19.32
C TYR B 304 49.69 -25.55 20.59
N LEU B 305 50.37 -25.55 21.73
CA LEU B 305 49.72 -25.27 23.00
C LEU B 305 49.26 -23.82 23.08
N VAL B 306 50.01 -22.90 22.45
CA VAL B 306 49.51 -21.52 22.31
C VAL B 306 48.30 -21.48 21.38
N SER B 307 48.27 -22.32 20.34
CA SER B 307 47.12 -22.32 19.42
C SER B 307 45.83 -22.76 20.11
N LEU B 308 45.91 -23.80 20.95
CA LEU B 308 44.74 -24.09 21.78
C LEU B 308 44.49 -22.99 22.81
N SER B 309 45.54 -22.32 23.29
CA SER B 309 45.33 -21.22 24.22
C SER B 309 44.69 -19.99 23.57
N THR B 310 44.90 -19.84 22.26
CA THR B 310 44.27 -18.77 21.50
C THR B 310 42.77 -19.08 21.41
N LEU B 311 42.48 -20.36 21.21
CA LEU B 311 41.12 -20.88 21.10
C LEU B 311 40.34 -20.69 22.38
N MET B 312 41.02 -20.84 23.50
CA MET B 312 40.37 -20.68 24.79
C MET B 312 39.84 -19.26 24.85
N GLY B 313 40.59 -18.31 24.30
CA GLY B 313 40.19 -16.92 24.33
C GLY B 313 38.88 -16.70 23.60
N GLY B 314 38.72 -17.37 22.46
CA GLY B 314 37.50 -17.25 21.70
C GLY B 314 36.31 -17.75 22.49
N TYR B 315 36.50 -18.88 23.17
CA TYR B 315 35.43 -19.47 23.97
C TYR B 315 35.02 -18.54 25.09
N LEU B 316 36.00 -17.93 25.75
CA LEU B 316 35.72 -17.00 26.83
C LEU B 316 34.95 -15.81 26.29
N TRP B 317 35.39 -15.31 25.14
CA TRP B 317 34.73 -14.18 24.49
C TRP B 317 33.33 -14.56 24.07
N PHE B 318 33.17 -15.78 23.57
CA PHE B 318 31.87 -16.23 23.10
C PHE B 318 30.83 -16.36 24.22
N LEU B 319 31.26 -16.42 25.49
CA LEU B 319 30.34 -16.78 26.56
C LEU B 319 30.10 -15.67 27.58
N TYR B 320 31.13 -14.93 27.99
CA TYR B 320 30.90 -13.88 28.99
C TYR B 320 30.34 -12.62 28.34
N HIS B 321 31.10 -12.03 27.42
CA HIS B 321 30.66 -10.80 26.76
C HIS B 321 29.77 -11.09 25.55
N ASN B 322 29.72 -12.35 25.09
CA ASN B 322 28.65 -12.90 24.26
C ASN B 322 28.48 -12.19 22.90
N ARG B 323 29.32 -12.63 21.97
CA ARG B 323 29.21 -12.24 20.59
C ARG B 323 28.65 -13.57 20.05
N GLU B 324 27.43 -13.53 19.51
CA GLU B 324 26.75 -14.73 19.02
C GLU B 324 26.07 -14.47 17.69
N ASP B 332 27.82 -13.22 14.18
CA ASP B 332 28.88 -12.40 13.59
C ASP B 332 29.38 -11.33 14.56
N PHE B 333 28.58 -10.29 14.71
CA PHE B 333 28.95 -9.03 15.38
C PHE B 333 30.26 -8.48 14.83
N THR B 334 30.27 -8.30 13.51
CA THR B 334 31.42 -7.77 12.81
C THR B 334 31.48 -6.25 12.91
N ILE B 335 32.28 -5.65 12.03
CA ILE B 335 32.56 -4.21 12.11
C ILE B 335 31.32 -3.40 11.75
N ASN B 336 30.53 -3.89 10.79
CA ASN B 336 29.28 -3.21 10.45
C ASN B 336 28.23 -3.34 11.55
N ALA B 337 28.26 -4.45 12.30
CA ALA B 337 27.26 -4.66 13.34
C ALA B 337 27.47 -3.80 14.56
N ARG B 338 28.70 -3.29 14.77
CA ARG B 338 28.92 -2.33 15.84
C ARG B 338 28.29 -0.99 15.49
N GLN B 339 28.39 -0.61 14.21
CA GLN B 339 27.69 0.56 13.71
C GLN B 339 26.17 0.40 13.82
N LYS B 340 25.65 -0.75 13.35
CA LYS B 340 24.21 -0.96 13.33
C LYS B 340 23.64 -1.13 14.72
N LYS B 341 24.43 -1.61 15.67
CA LYS B 341 24.00 -1.54 17.07
C LYS B 341 24.17 -0.12 17.59
N LEU B 342 25.11 0.64 17.03
CA LEU B 342 25.51 1.90 17.64
C LEU B 342 24.50 3.01 17.36
N TYR B 343 24.05 3.16 16.11
CA TYR B 343 23.04 4.19 15.87
C TYR B 343 21.61 3.69 16.10
N GLN B 344 21.44 2.59 16.85
CA GLN B 344 20.17 2.39 17.54
C GLN B 344 20.10 3.27 18.78
N MET B 345 21.26 3.69 19.29
CA MET B 345 21.34 4.64 20.39
C MET B 345 21.30 6.09 19.91
N LYS B 346 22.05 6.39 18.85
CA LYS B 346 22.27 7.77 18.43
C LYS B 346 21.29 8.25 17.38
N GLY B 347 20.49 7.37 16.78
CA GLY B 347 19.61 7.79 15.72
C GLY B 347 18.30 7.04 15.64
N ILE B 348 17.71 7.02 14.44
CA ILE B 348 16.43 6.38 14.19
C ILE B 348 16.67 5.29 13.13
N ASP B 349 15.71 4.39 12.99
CA ASP B 349 15.83 3.21 12.14
C ASP B 349 15.79 3.57 10.65
N LEU B 350 15.87 2.56 9.79
CA LEU B 350 15.96 2.76 8.35
C LEU B 350 14.61 2.77 7.65
N GLN B 351 13.57 2.18 8.25
CA GLN B 351 12.27 2.12 7.59
C GLN B 351 11.60 3.49 7.54
N VAL B 352 11.65 4.22 8.67
CA VAL B 352 11.19 5.60 8.71
C VAL B 352 12.06 6.45 7.79
N TRP B 353 13.36 6.19 7.79
CA TRP B 353 14.33 6.94 7.00
C TRP B 353 14.06 6.86 5.51
N GLU B 354 13.97 5.64 4.99
CA GLU B 354 13.64 5.46 3.58
C GLU B 354 12.20 5.84 3.28
N SER B 355 11.32 5.85 4.28
CA SER B 355 9.97 6.36 4.03
C SER B 355 10.01 7.86 3.79
N LEU B 356 10.86 8.58 4.53
CA LEU B 356 10.97 10.02 4.32
C LEU B 356 11.62 10.34 2.98
N ILE B 357 12.68 9.60 2.62
CA ILE B 357 13.35 9.87 1.34
C ILE B 357 12.44 9.50 0.17
N ASP B 358 11.78 8.34 0.25
CA ASP B 358 10.95 7.87 -0.85
C ASP B 358 9.71 8.72 -1.03
N GLU B 359 9.08 9.15 0.06
CA GLU B 359 7.96 10.08 -0.05
C GLU B 359 8.41 11.45 -0.53
N ALA B 360 9.64 11.85 -0.19
CA ALA B 360 10.18 13.10 -0.72
C ALA B 360 10.32 13.02 -2.23
N ASN B 361 10.78 11.88 -2.74
CA ASN B 361 10.85 11.72 -4.19
C ASN B 361 9.46 11.58 -4.81
N ALA B 362 8.50 11.07 -4.05
CA ALA B 362 7.12 11.02 -4.53
C ALA B 362 6.53 12.41 -4.69
N ILE B 363 6.94 13.34 -3.82
CA ILE B 363 6.52 14.73 -3.99
C ILE B 363 7.27 15.39 -5.14
N ARG B 364 8.55 15.04 -5.31
CA ARG B 364 9.35 15.62 -6.38
C ARG B 364 8.88 15.19 -7.77
N ARG B 365 8.40 13.95 -7.92
CA ARG B 365 7.86 13.56 -9.21
C ARG B 365 6.54 14.27 -9.49
N GLU B 366 5.82 14.68 -8.47
CA GLU B 366 4.54 15.36 -8.70
C GLU B 366 4.73 16.83 -9.00
N ILE B 367 5.71 17.49 -8.36
CA ILE B 367 6.01 18.84 -8.77
C ILE B 367 6.67 18.84 -10.15
N LYS B 368 7.39 17.76 -10.50
CA LYS B 368 7.85 17.64 -11.88
C LYS B 368 6.71 17.39 -12.85
N ASN B 369 5.63 16.74 -12.39
CA ASN B 369 4.47 16.55 -13.24
C ASN B 369 3.75 17.87 -13.49
N ILE B 370 3.50 18.63 -12.42
CA ILE B 370 2.71 19.84 -12.55
C ILE B 370 3.50 20.93 -13.27
N ALA B 371 4.78 21.10 -12.93
CA ALA B 371 5.61 22.03 -13.67
C ALA B 371 5.96 21.51 -15.05
N ALA B 372 5.84 20.20 -15.27
CA ALA B 372 5.99 19.66 -16.62
C ALA B 372 4.76 19.95 -17.46
N GLU B 373 3.60 20.09 -16.83
CA GLU B 373 2.38 20.39 -17.55
C GLU B 373 2.13 21.89 -17.66
N TYR B 374 2.54 22.67 -16.68
CA TYR B 374 2.41 24.11 -16.75
C TYR B 374 3.58 24.77 -17.46
N ASP B 375 4.69 24.05 -17.60
CA ASP B 375 5.86 24.43 -18.41
C ASP B 375 6.50 25.74 -17.94
N VAL B 376 6.95 25.71 -16.68
CA VAL B 376 7.95 26.66 -16.18
C VAL B 376 8.99 25.85 -15.43
N ASP B 377 10.24 25.96 -15.85
CA ASP B 377 11.28 25.05 -15.38
C ASP B 377 11.68 25.40 -13.94
N TRP B 378 12.08 24.37 -13.19
CA TRP B 378 12.20 24.49 -11.75
C TRP B 378 13.20 23.49 -11.17
N ASP B 379 14.03 23.97 -10.25
CA ASP B 379 14.84 23.12 -9.37
C ASP B 379 14.61 23.53 -7.93
N GLU B 380 14.59 22.55 -7.03
CA GLU B 380 14.15 22.76 -5.65
C GLU B 380 15.25 23.27 -4.73
N ARG B 381 16.45 23.52 -5.25
CA ARG B 381 17.46 24.20 -4.45
C ARG B 381 17.13 25.69 -4.29
N LYS B 382 16.30 26.22 -5.19
CA LYS B 382 15.93 27.63 -5.26
C LYS B 382 15.05 28.09 -4.10
N ASP B 383 14.65 27.19 -3.19
CA ASP B 383 14.08 27.56 -1.91
C ASP B 383 14.93 27.14 -0.73
N GLU B 384 15.88 26.22 -0.94
CA GLU B 384 16.97 26.07 0.02
C GLU B 384 17.81 27.34 0.09
N GLN B 385 17.86 28.10 -1.00
CA GLN B 385 18.44 29.44 -0.98
C GLN B 385 17.58 30.44 -0.21
N ASP B 386 16.39 30.06 0.26
CA ASP B 386 15.62 30.83 1.23
C ASP B 386 15.43 30.13 2.57
N ASP B 387 15.94 28.89 2.71
CA ASP B 387 15.80 28.19 3.99
C ASP B 387 16.72 28.78 5.05
N ARG B 388 17.83 29.38 4.63
CA ARG B 388 18.71 30.11 5.53
C ARG B 388 18.52 31.62 5.43
N VAL B 389 18.12 32.10 4.27
CA VAL B 389 17.84 33.52 4.06
C VAL B 389 16.39 33.69 3.61
N ASP C 52 -25.76 -1.44 -36.94
CA ASP C 52 -26.34 -1.02 -38.21
C ASP C 52 -27.59 -0.19 -37.98
N THR C 53 -28.62 -0.83 -37.45
CA THR C 53 -29.85 -0.17 -37.03
C THR C 53 -30.23 -0.47 -35.59
N ILE C 54 -30.07 -1.71 -35.13
CA ILE C 54 -30.45 -2.09 -33.78
C ILE C 54 -29.26 -2.58 -32.97
N ALA C 55 -28.05 -2.29 -33.42
CA ALA C 55 -26.85 -2.70 -32.69
C ALA C 55 -25.95 -1.50 -32.52
N GLY C 56 -25.46 -1.32 -31.30
CA GLY C 56 -24.48 -0.30 -31.00
C GLY C 56 -23.29 -0.94 -30.33
N LYS C 57 -22.27 -0.13 -30.09
CA LYS C 57 -21.09 -0.59 -29.36
C LYS C 57 -20.51 0.56 -28.56
N LEU C 58 -20.06 0.29 -27.34
CA LEU C 58 -19.39 1.31 -26.55
C LEU C 58 -17.97 0.77 -26.45
N LEU C 59 -17.02 1.58 -26.92
CA LEU C 59 -15.63 1.17 -27.03
C LEU C 59 -14.90 1.54 -25.76
N THR C 60 -13.57 1.42 -25.77
CA THR C 60 -12.74 1.90 -24.67
C THR C 60 -11.62 2.73 -25.28
N THR C 61 -11.69 4.04 -25.08
CA THR C 61 -10.66 4.93 -25.59
C THR C 61 -9.36 4.73 -24.82
N PRO C 62 -8.22 5.14 -25.40
CA PRO C 62 -6.96 5.12 -24.63
C PRO C 62 -6.98 6.02 -23.40
N SER C 63 -7.81 7.04 -23.38
CA SER C 63 -7.96 7.87 -22.19
C SER C 63 -8.87 7.18 -21.18
N ARG C 64 -9.29 7.92 -20.15
CA ARG C 64 -10.14 7.35 -19.12
C ARG C 64 -11.56 7.16 -19.60
N LEU C 65 -12.03 7.99 -20.53
CA LEU C 65 -13.44 8.19 -20.77
C LEU C 65 -13.88 7.50 -22.05
N PHE C 66 -15.08 6.91 -22.00
CA PHE C 66 -15.56 6.02 -23.04
C PHE C 66 -16.03 6.78 -24.27
N LYS C 67 -16.48 6.03 -25.27
CA LYS C 67 -17.29 6.55 -26.36
C LYS C 67 -18.27 5.47 -26.74
N LEU C 68 -19.33 5.86 -27.44
CA LEU C 68 -20.27 4.88 -27.94
C LEU C 68 -20.94 5.45 -29.17
N LEU C 69 -21.38 4.57 -30.05
CA LEU C 69 -21.99 4.97 -31.31
C LEU C 69 -23.27 4.19 -31.52
N ILE C 70 -24.39 4.91 -31.63
CA ILE C 70 -25.72 4.34 -31.71
C ILE C 70 -26.41 5.01 -32.90
N PRO C 71 -27.19 4.30 -33.72
CA PRO C 71 -27.92 4.94 -34.81
C PRO C 71 -29.30 5.46 -34.43
N LEU C 72 -29.61 6.71 -34.79
CA LEU C 72 -30.96 7.25 -34.61
C LEU C 72 -31.16 8.43 -35.55
N THR C 73 -32.41 8.84 -35.67
CA THR C 73 -32.85 9.83 -36.65
C THR C 73 -32.46 11.24 -36.18
N THR C 74 -32.14 12.10 -37.14
CA THR C 74 -31.56 13.40 -36.84
C THR C 74 -32.31 14.44 -37.67
N ILE C 75 -31.74 15.65 -37.78
CA ILE C 75 -32.29 16.73 -38.61
C ILE C 75 -32.25 16.33 -40.09
N ASN C 76 -32.66 17.22 -40.98
CA ASN C 76 -32.91 16.85 -42.39
C ASN C 76 -31.88 16.11 -43.26
N ARG C 77 -30.62 16.08 -42.83
CA ARG C 77 -29.57 15.46 -43.63
C ARG C 77 -29.67 13.95 -43.92
N LYS C 78 -29.99 13.12 -42.93
CA LYS C 78 -30.06 11.67 -43.18
C LYS C 78 -31.05 10.88 -42.32
N ASP C 79 -31.50 9.76 -42.87
CA ASP C 79 -32.43 8.86 -42.19
C ASP C 79 -31.85 8.19 -40.93
N ILE C 80 -30.60 7.76 -41.01
CA ILE C 80 -29.93 7.11 -39.87
C ILE C 80 -28.42 7.25 -39.93
N GLU C 81 -27.80 7.62 -38.81
CA GLU C 81 -26.35 7.77 -38.80
C GLU C 81 -25.85 7.29 -37.44
N GLN C 82 -24.87 6.38 -37.43
CA GLN C 82 -24.26 6.01 -36.16
C GLN C 82 -23.41 7.17 -35.67
N ILE C 83 -23.90 7.85 -34.65
CA ILE C 83 -23.36 9.11 -34.17
C ILE C 83 -22.53 8.88 -32.91
N ALA C 84 -21.49 9.69 -32.75
CA ALA C 84 -20.55 9.53 -31.66
C ALA C 84 -21.00 10.34 -30.45
N ILE C 85 -21.05 9.66 -29.32
CA ILE C 85 -21.35 10.27 -28.03
C ILE C 85 -20.09 10.02 -27.19
N LEU C 86 -19.62 11.06 -26.49
CA LEU C 86 -18.42 10.95 -25.66
C LEU C 86 -18.86 10.91 -24.20
N ILE C 87 -18.32 9.96 -23.44
CA ILE C 87 -18.81 9.79 -22.07
C ILE C 87 -17.65 9.53 -21.11
N HIS C 88 -17.66 10.22 -19.96
CA HIS C 88 -16.84 9.99 -18.76
C HIS C 88 -17.58 9.05 -17.81
N PRO C 89 -16.90 8.14 -17.11
CA PRO C 89 -17.61 7.14 -16.30
C PRO C 89 -18.16 7.67 -14.98
N GLN C 90 -17.97 8.94 -14.66
CA GLN C 90 -18.48 9.52 -13.43
C GLN C 90 -19.65 10.45 -13.66
N GLN C 91 -20.06 10.66 -14.90
CA GLN C 91 -21.26 11.43 -15.14
C GLN C 91 -22.49 10.58 -14.81
N PRO C 92 -23.55 11.20 -14.30
CA PRO C 92 -24.76 10.45 -13.97
C PRO C 92 -25.47 10.03 -15.23
N LEU C 93 -26.49 9.20 -15.04
CA LEU C 93 -27.14 8.60 -16.18
C LEU C 93 -28.15 9.55 -16.81
N SER C 94 -28.65 10.51 -16.04
CA SER C 94 -29.51 11.56 -16.57
C SER C 94 -28.77 12.44 -17.55
N HIS C 95 -27.47 12.59 -17.34
CA HIS C 95 -26.66 13.37 -18.26
C HIS C 95 -26.61 12.66 -19.60
N LEU C 96 -26.44 11.33 -19.56
CA LEU C 96 -26.40 10.54 -20.79
C LEU C 96 -27.69 10.54 -21.57
N GLU C 97 -28.82 10.38 -20.87
CA GLU C 97 -30.11 10.38 -21.55
C GLU C 97 -30.40 11.75 -22.17
N ARG C 98 -30.02 12.80 -21.44
CA ARG C 98 -30.18 14.16 -21.93
C ARG C 98 -29.30 14.39 -23.15
N LEU C 99 -28.10 13.82 -23.13
CA LEU C 99 -27.16 13.95 -24.23
C LEU C 99 -27.73 13.32 -25.49
N ILE C 100 -28.36 12.16 -25.36
CA ILE C 100 -28.98 11.53 -26.52
C ILE C 100 -30.37 12.11 -26.75
N GLN C 101 -30.99 12.69 -25.72
CA GLN C 101 -32.22 13.43 -25.90
C GLN C 101 -31.99 14.72 -26.68
N SER C 102 -30.77 15.24 -26.67
CA SER C 102 -30.53 16.53 -27.33
C SER C 102 -30.34 16.39 -28.83
N GLU C 103 -29.66 15.34 -29.29
CA GLU C 103 -29.42 15.15 -30.73
C GLU C 103 -30.44 14.18 -31.32
N VAL C 104 -31.71 14.58 -31.24
CA VAL C 104 -32.82 13.87 -31.87
C VAL C 104 -33.94 14.90 -32.03
N PRO C 105 -34.61 14.96 -33.17
CA PRO C 105 -35.75 15.84 -33.31
C PRO C 105 -36.92 15.34 -32.48
N PRO C 106 -37.59 16.23 -31.74
CA PRO C 106 -38.56 15.79 -30.74
C PRO C 106 -39.85 15.24 -31.31
N ILE C 107 -40.78 14.93 -30.41
CA ILE C 107 -42.09 14.40 -30.78
C ILE C 107 -43.12 15.48 -30.46
N GLU C 108 -43.99 15.77 -31.43
CA GLU C 108 -45.03 16.76 -31.20
C GLU C 108 -46.07 16.21 -30.24
N ASP C 109 -45.99 16.63 -28.97
CA ASP C 109 -46.71 16.01 -27.88
C ASP C 109 -47.79 16.97 -27.39
N GLU C 110 -49.03 16.50 -27.43
CA GLU C 110 -50.19 17.33 -27.07
C GLU C 110 -50.36 17.42 -25.56
N ASN C 111 -51.55 17.91 -25.14
CA ASN C 111 -51.85 18.30 -23.76
C ASN C 111 -50.85 19.35 -23.26
N GLY C 112 -50.52 20.29 -24.14
CA GLY C 112 -49.47 21.27 -23.88
C GLY C 112 -48.31 21.08 -24.86
N GLN C 113 -47.09 21.35 -24.38
CA GLN C 113 -45.88 21.15 -25.15
C GLN C 113 -44.82 20.55 -24.24
N LYS C 114 -44.70 19.21 -24.26
CA LYS C 114 -43.61 18.50 -23.59
C LYS C 114 -42.98 17.62 -24.66
N ARG C 115 -42.14 18.24 -25.48
CA ARG C 115 -41.75 17.65 -26.77
C ARG C 115 -40.57 16.68 -26.83
N PRO C 116 -39.42 16.87 -26.15
CA PRO C 116 -38.37 15.87 -26.25
C PRO C 116 -38.75 14.60 -25.50
N PRO C 117 -38.27 13.44 -25.94
CA PRO C 117 -38.77 12.17 -25.40
C PRO C 117 -38.20 11.89 -24.01
N PHE C 118 -38.53 10.71 -23.51
CA PHE C 118 -38.03 10.22 -22.22
C PHE C 118 -37.46 8.83 -22.45
N VAL C 119 -36.14 8.73 -22.51
CA VAL C 119 -35.50 7.46 -22.79
C VAL C 119 -35.15 6.78 -21.48
N SER C 120 -34.89 5.48 -21.55
CA SER C 120 -34.77 4.65 -20.36
C SER C 120 -33.90 3.46 -20.67
N PHE C 121 -33.14 3.01 -19.68
CA PHE C 121 -32.14 1.97 -19.90
C PHE C 121 -32.60 0.68 -19.25
N ILE C 122 -32.28 -0.44 -19.89
CA ILE C 122 -32.78 -1.75 -19.49
C ILE C 122 -31.62 -2.74 -19.59
N ALA C 123 -31.44 -3.58 -18.56
CA ALA C 123 -30.40 -4.60 -18.65
C ALA C 123 -30.91 -5.94 -18.16
N LEU C 124 -30.00 -6.89 -17.96
CA LEU C 124 -30.41 -8.21 -17.52
C LEU C 124 -29.97 -8.49 -16.10
N GLN C 125 -30.92 -8.86 -15.25
CA GLN C 125 -30.61 -9.21 -13.89
C GLN C 125 -30.32 -10.68 -13.97
N LEU C 126 -29.05 -11.04 -13.88
CA LEU C 126 -28.68 -12.44 -13.98
C LEU C 126 -29.24 -13.21 -12.81
N GLU C 127 -29.78 -14.39 -13.11
CA GLU C 127 -30.32 -15.25 -12.06
C GLU C 127 -29.39 -16.42 -11.76
N GLN C 128 -28.12 -16.28 -12.15
CA GLN C 128 -27.14 -17.38 -12.25
C GLN C 128 -27.70 -18.58 -13.01
N ARG C 187 -34.64 -12.00 -17.17
CA ARG C 187 -35.59 -10.89 -17.26
C ARG C 187 -34.93 -9.56 -17.57
N PHE C 188 -35.68 -8.49 -17.38
CA PHE C 188 -35.24 -7.16 -17.78
C PHE C 188 -35.75 -6.15 -16.75
N ILE C 189 -34.81 -5.57 -15.99
CA ILE C 189 -35.12 -4.53 -15.02
C ILE C 189 -34.67 -3.19 -15.60
N ARG C 190 -35.17 -2.12 -15.00
CA ARG C 190 -34.90 -0.78 -15.47
C ARG C 190 -33.96 -0.08 -14.51
N TRP C 191 -32.86 0.46 -15.03
CA TRP C 191 -31.88 1.14 -14.19
C TRP C 191 -32.26 2.59 -13.99
N SER C 192 -32.09 3.06 -12.75
CA SER C 192 -32.58 4.37 -12.36
C SER C 192 -31.81 5.48 -13.04
N GLN C 193 -32.39 6.67 -13.04
CA GLN C 193 -31.91 7.73 -13.91
C GLN C 193 -30.75 8.52 -13.33
N SER C 194 -30.28 8.19 -12.12
CA SER C 194 -29.10 8.88 -11.63
C SER C 194 -28.17 7.92 -10.92
N THR C 195 -27.94 6.73 -11.49
CA THR C 195 -26.74 6.01 -11.14
C THR C 195 -25.56 6.60 -11.88
N GLU C 196 -24.36 6.28 -11.42
CA GLU C 196 -23.21 6.69 -12.18
C GLU C 196 -23.03 5.70 -13.32
N ILE C 197 -22.33 6.14 -14.36
CA ILE C 197 -22.26 5.34 -15.58
C ILE C 197 -21.37 4.13 -15.39
N GLY C 198 -20.23 4.31 -14.71
CA GLY C 198 -19.24 3.25 -14.61
C GLY C 198 -19.70 2.01 -13.87
N ASP C 199 -20.56 2.19 -12.86
CA ASP C 199 -21.07 1.04 -12.11
C ASP C 199 -22.07 0.24 -12.94
N PHE C 200 -22.91 0.96 -13.68
CA PHE C 200 -23.81 0.32 -14.64
C PHE C 200 -23.03 -0.39 -15.74
N ILE C 201 -21.92 0.21 -16.19
CA ILE C 201 -21.04 -0.40 -17.19
C ILE C 201 -20.46 -1.70 -16.67
N ARG C 202 -20.09 -1.75 -15.40
CA ARG C 202 -19.51 -2.97 -14.86
C ARG C 202 -20.57 -4.06 -14.69
N ASP C 203 -21.74 -3.71 -14.17
CA ASP C 203 -22.78 -4.72 -13.91
C ASP C 203 -23.34 -5.30 -15.21
N ALA C 204 -23.79 -4.42 -16.11
CA ALA C 204 -24.21 -4.90 -17.42
C ALA C 204 -23.04 -5.45 -18.23
N ALA C 205 -21.81 -5.10 -17.88
CA ALA C 205 -20.64 -5.67 -18.56
C ALA C 205 -20.47 -7.13 -18.22
N ARG C 206 -20.76 -7.53 -16.99
CA ARG C 206 -20.83 -8.97 -16.76
C ARG C 206 -22.09 -9.58 -17.38
N ALA C 207 -23.14 -8.78 -17.56
CA ALA C 207 -24.31 -9.31 -18.26
C ALA C 207 -24.10 -9.44 -19.76
N LYS C 208 -23.09 -8.77 -20.32
CA LYS C 208 -22.64 -8.73 -21.71
C LYS C 208 -23.61 -8.05 -22.67
N GLU C 209 -24.74 -7.52 -22.21
CA GLU C 209 -25.65 -6.73 -23.04
C GLU C 209 -26.35 -5.70 -22.17
N PHE C 210 -26.75 -4.59 -22.79
CA PHE C 210 -27.83 -3.78 -22.22
C PHE C 210 -28.59 -3.11 -23.36
N ILE C 211 -29.70 -2.47 -22.99
CA ILE C 211 -30.72 -2.06 -23.94
C ILE C 211 -31.10 -0.62 -23.65
N VAL C 212 -30.97 0.24 -24.64
CA VAL C 212 -31.53 1.58 -24.59
C VAL C 212 -32.90 1.51 -25.25
N THR C 213 -33.88 2.24 -24.74
CA THR C 213 -35.17 2.39 -25.39
C THR C 213 -35.50 3.87 -25.51
N ILE C 214 -35.70 4.34 -26.74
CA ILE C 214 -36.20 5.68 -26.99
C ILE C 214 -37.72 5.58 -26.83
N GLU C 215 -38.37 6.74 -26.74
CA GLU C 215 -39.82 6.83 -26.60
C GLU C 215 -40.54 6.99 -27.93
N GLY C 216 -39.78 7.37 -28.96
CA GLY C 216 -40.35 7.59 -30.28
C GLY C 216 -40.94 6.35 -30.92
N ALA C 217 -40.25 5.23 -30.77
CA ALA C 217 -40.66 3.94 -31.32
C ALA C 217 -40.92 3.94 -32.83
N PRO C 218 -40.08 4.65 -33.60
CA PRO C 218 -40.33 4.64 -35.04
C PRO C 218 -40.18 3.22 -35.58
N ALA C 219 -39.13 2.54 -35.14
CA ALA C 219 -38.88 1.17 -35.55
C ALA C 219 -39.91 0.27 -34.87
N GLY C 220 -40.30 -0.80 -35.54
CA GLY C 220 -41.28 -1.70 -34.95
C GLY C 220 -40.75 -2.32 -33.68
N LEU C 221 -39.48 -2.72 -33.71
CA LEU C 221 -38.84 -3.32 -32.53
C LEU C 221 -38.74 -2.35 -31.36
N GLU C 222 -38.39 -1.09 -31.68
CA GLU C 222 -38.22 -0.02 -30.69
C GLU C 222 -37.20 -0.38 -29.59
N GLN C 223 -36.11 -1.02 -30.00
CA GLN C 223 -35.05 -1.42 -29.08
C GLN C 223 -33.69 -1.17 -29.69
N ILE C 224 -32.68 -1.00 -28.84
CA ILE C 224 -31.32 -0.85 -29.36
C ILE C 224 -30.43 -1.73 -28.49
N HIS C 225 -29.97 -2.84 -29.02
CA HIS C 225 -29.13 -3.74 -28.25
C HIS C 225 -27.69 -3.36 -28.51
N VAL C 226 -27.12 -2.54 -27.63
CA VAL C 226 -25.73 -2.13 -27.78
C VAL C 226 -24.81 -3.22 -27.26
N ALA C 227 -23.60 -3.25 -27.80
CA ALA C 227 -22.62 -4.27 -27.47
C ALA C 227 -21.67 -3.74 -26.40
N VAL C 228 -21.01 -4.66 -25.71
CA VAL C 228 -20.33 -4.40 -24.45
C VAL C 228 -18.82 -4.62 -24.64
N PRO C 229 -17.96 -3.72 -24.16
CA PRO C 229 -16.53 -3.89 -24.40
C PRO C 229 -15.94 -5.02 -23.58
N SER C 230 -14.97 -5.71 -24.17
CA SER C 230 -14.51 -6.97 -23.64
C SER C 230 -13.21 -6.84 -22.86
N PHE C 231 -12.90 -7.94 -22.16
CA PHE C 231 -11.74 -8.03 -21.29
C PHE C 231 -10.46 -7.87 -22.09
N ASP C 232 -10.44 -8.45 -23.30
CA ASP C 232 -9.32 -8.32 -24.21
C ASP C 232 -9.14 -6.89 -24.68
N GLU C 233 -10.18 -6.07 -24.67
CA GLU C 233 -10.00 -4.71 -25.16
C GLU C 233 -9.56 -3.76 -24.05
N ARG C 234 -10.21 -3.85 -22.89
CA ARG C 234 -9.80 -3.05 -21.74
C ARG C 234 -8.38 -3.39 -21.33
N THR C 235 -8.13 -4.67 -21.08
CA THR C 235 -6.77 -5.10 -20.83
C THR C 235 -5.91 -5.10 -22.09
N TYR C 236 -6.47 -4.84 -23.28
CA TYR C 236 -5.61 -4.64 -24.43
C TYR C 236 -4.87 -3.33 -24.31
N PHE C 237 -5.57 -2.25 -23.99
CA PHE C 237 -4.81 -1.00 -23.85
C PHE C 237 -3.95 -1.01 -22.59
N LEU C 238 -4.46 -1.60 -21.49
CA LEU C 238 -3.64 -1.66 -20.29
C LEU C 238 -2.42 -2.56 -20.48
N ARG C 239 -2.58 -3.65 -21.23
CA ARG C 239 -1.44 -4.51 -21.54
C ARG C 239 -0.42 -3.84 -22.44
N MET C 240 -0.85 -2.96 -23.36
CA MET C 240 0.14 -2.29 -24.20
C MET C 240 0.99 -1.33 -23.37
N ARG C 241 0.36 -0.62 -22.41
CA ARG C 241 1.15 0.21 -21.51
C ARG C 241 2.11 -0.61 -20.65
N LEU C 242 1.60 -1.69 -20.06
CA LEU C 242 2.38 -2.51 -19.14
C LEU C 242 3.55 -3.20 -19.84
N ARG C 243 3.33 -3.76 -21.02
CA ARG C 243 4.42 -4.39 -21.75
C ARG C 243 5.43 -3.39 -22.27
N LYS C 244 4.97 -2.16 -22.60
CA LYS C 244 5.91 -1.16 -23.09
C LYS C 244 6.88 -0.73 -21.99
N ILE C 245 6.36 -0.44 -20.80
CA ILE C 245 7.27 -0.06 -19.73
C ILE C 245 8.07 -1.27 -19.22
N SER C 246 7.50 -2.48 -19.33
CA SER C 246 8.19 -3.67 -18.84
C SER C 246 9.38 -4.03 -19.71
N ARG C 247 9.23 -3.91 -21.02
CA ARG C 247 10.38 -4.02 -21.91
C ARG C 247 11.38 -2.91 -21.63
N ARG C 248 10.86 -1.70 -21.39
CA ARG C 248 11.70 -0.52 -21.17
C ARG C 248 12.51 -0.61 -19.87
N ILE C 249 12.15 -1.48 -18.93
CA ILE C 249 13.05 -1.77 -17.83
C ILE C 249 13.84 -3.06 -18.04
N GLN C 250 13.37 -3.95 -18.92
CA GLN C 250 14.10 -5.19 -19.13
C GLN C 250 15.44 -4.93 -19.82
N GLY C 251 15.49 -3.92 -20.69
CA GLY C 251 16.76 -3.54 -21.29
C GLY C 251 17.79 -3.06 -20.27
N LEU C 252 17.35 -2.23 -19.32
CA LEU C 252 18.24 -1.78 -18.26
C LEU C 252 18.62 -2.91 -17.30
N ALA C 253 17.74 -3.91 -17.18
CA ALA C 253 18.12 -5.12 -16.45
C ALA C 253 19.26 -5.85 -17.16
N GLU C 254 19.24 -5.87 -18.49
CA GLU C 254 20.32 -6.53 -19.22
C GLU C 254 21.63 -5.75 -19.10
N ILE C 255 21.56 -4.43 -19.05
CA ILE C 255 22.78 -3.64 -18.87
C ILE C 255 23.34 -3.80 -17.46
N LYS C 256 22.45 -3.99 -16.47
CA LYS C 256 22.90 -4.41 -15.14
C LYS C 256 23.61 -5.76 -15.18
N HIS C 257 23.10 -6.69 -15.99
CA HIS C 257 23.76 -7.99 -16.15
C HIS C 257 25.16 -7.85 -16.73
N GLU C 258 25.36 -6.94 -17.69
CA GLU C 258 26.68 -6.88 -18.29
C GLU C 258 27.71 -6.14 -17.40
N CYS C 259 27.28 -5.12 -16.63
CA CYS C 259 28.23 -4.54 -15.68
C CYS C 259 28.55 -5.50 -14.54
N ASP C 260 27.59 -6.36 -14.19
CA ASP C 260 27.86 -7.45 -13.25
C ASP C 260 28.92 -8.40 -13.80
N ALA C 261 28.87 -8.67 -15.12
CA ALA C 261 29.93 -9.45 -15.75
C ALA C 261 31.27 -8.74 -15.73
N LEU C 262 31.27 -7.40 -15.78
CA LEU C 262 32.51 -6.65 -15.66
C LEU C 262 33.14 -6.83 -14.28
N ALA C 263 32.30 -6.79 -13.24
CA ALA C 263 32.79 -7.07 -11.88
C ALA C 263 33.31 -8.50 -11.75
N HIS C 264 32.68 -9.44 -12.45
CA HIS C 264 33.16 -10.82 -12.50
C HIS C 264 34.58 -10.91 -13.07
N ARG C 265 34.83 -10.21 -14.17
CA ARG C 265 36.17 -10.20 -14.78
C ARG C 265 37.21 -9.61 -13.82
N GLY C 266 36.85 -8.48 -13.21
CA GLY C 266 37.70 -7.85 -12.20
C GLY C 266 37.99 -8.70 -10.99
N ALA C 267 37.13 -9.69 -10.70
CA ALA C 267 37.48 -10.64 -9.65
C ALA C 267 38.40 -11.76 -10.17
N GLN C 268 38.12 -12.27 -11.38
CA GLN C 268 38.84 -13.45 -11.88
C GLN C 268 40.31 -13.17 -12.13
N ARG C 269 40.67 -11.90 -12.40
CA ARG C 269 42.08 -11.55 -12.53
C ARG C 269 42.87 -11.83 -11.26
N VAL C 270 42.45 -11.24 -10.15
CA VAL C 270 43.17 -11.36 -8.89
C VAL C 270 43.10 -12.79 -8.35
N ALA C 271 41.98 -13.49 -8.59
CA ALA C 271 41.91 -14.89 -8.20
C ALA C 271 42.89 -15.76 -8.97
N LEU C 272 43.07 -15.48 -10.27
CA LEU C 272 44.07 -16.21 -11.05
C LEU C 272 45.49 -15.94 -10.55
N GLY C 273 45.79 -14.69 -10.19
CA GLY C 273 47.09 -14.39 -9.64
C GLY C 273 47.36 -15.09 -8.32
N GLY C 274 46.33 -15.21 -7.47
CA GLY C 274 46.49 -15.92 -6.22
C GLY C 274 46.72 -17.42 -6.42
N PHE C 275 46.05 -18.01 -7.41
CA PHE C 275 46.30 -19.42 -7.73
C PHE C 275 47.73 -19.63 -8.23
N GLY C 276 48.23 -18.70 -9.05
CA GLY C 276 49.59 -18.82 -9.53
C GLY C 276 50.63 -18.72 -8.42
N ILE C 277 50.42 -17.79 -7.48
CA ILE C 277 51.36 -17.63 -6.38
C ILE C 277 51.33 -18.85 -5.46
N LEU C 278 50.15 -19.43 -5.25
CA LEU C 278 50.09 -20.60 -4.38
C LEU C 278 50.66 -21.85 -5.08
N ALA C 279 50.59 -21.90 -6.41
CA ALA C 279 51.31 -22.95 -7.13
C ALA C 279 52.82 -22.79 -7.00
N PHE C 280 53.30 -21.54 -7.05
CA PHE C 280 54.71 -21.23 -6.80
C PHE C 280 55.15 -21.70 -5.41
N TRP C 281 54.31 -21.48 -4.41
CA TRP C 281 54.63 -21.92 -3.06
C TRP C 281 54.66 -23.44 -2.94
N TRP C 282 53.74 -24.13 -3.63
CA TRP C 282 53.74 -25.59 -3.59
C TRP C 282 54.99 -26.16 -4.23
N TYR C 283 55.45 -25.53 -5.31
CA TYR C 283 56.63 -26.06 -5.97
C TYR C 283 57.91 -25.74 -5.19
N ILE C 284 57.96 -24.56 -4.54
CA ILE C 284 59.17 -24.23 -3.80
C ILE C 284 59.27 -25.05 -2.52
N VAL C 285 58.13 -25.42 -1.93
CA VAL C 285 58.18 -26.29 -0.76
C VAL C 285 58.52 -27.71 -1.17
N TYR C 286 58.07 -28.15 -2.36
CA TYR C 286 58.44 -29.49 -2.81
C TYR C 286 59.92 -29.58 -3.14
N LYS C 287 60.48 -28.57 -3.82
CA LYS C 287 61.91 -28.62 -4.15
C LYS C 287 62.77 -28.51 -2.90
N LEU C 288 62.44 -27.60 -1.99
CA LEU C 288 63.21 -27.50 -0.78
C LEU C 288 62.81 -28.53 0.28
N THR C 289 62.00 -29.51 -0.07
CA THR C 289 61.65 -30.57 0.88
C THR C 289 62.08 -31.95 0.42
N PHE C 290 61.71 -32.35 -0.80
CA PHE C 290 61.93 -33.73 -1.21
C PHE C 290 63.37 -34.00 -1.61
N GLU C 291 64.07 -32.99 -2.10
CA GLU C 291 65.42 -33.19 -2.61
C GLU C 291 66.39 -33.74 -1.57
N THR C 292 66.14 -33.38 -0.30
CA THR C 292 66.90 -33.78 0.89
C THR C 292 68.22 -33.06 1.07
N ASP C 293 68.42 -32.01 0.28
CA ASP C 293 69.60 -31.18 0.40
C ASP C 293 69.42 -30.63 1.79
N LEU C 294 68.16 -30.34 2.11
CA LEU C 294 67.80 -29.83 3.43
C LEU C 294 66.63 -30.65 4.01
N GLY C 295 66.76 -31.06 5.27
CA GLY C 295 65.74 -31.86 5.94
C GLY C 295 64.44 -31.15 6.33
N TRP C 296 63.34 -31.91 6.41
CA TRP C 296 62.05 -31.36 6.79
C TRP C 296 62.15 -30.47 8.02
N ASP C 297 63.09 -30.76 8.92
CA ASP C 297 63.17 -30.02 10.18
C ASP C 297 63.75 -28.61 10.03
N THR C 298 63.94 -28.11 8.81
CA THR C 298 64.09 -26.70 8.57
C THR C 298 62.99 -26.11 7.71
N MET C 299 62.15 -26.94 7.09
CA MET C 299 61.06 -26.34 6.32
C MET C 299 59.81 -26.21 7.18
N GLU C 300 59.79 -26.92 8.30
CA GLU C 300 58.66 -26.88 9.22
C GLU C 300 58.46 -25.53 9.90
N PRO C 301 59.56 -24.91 10.37
CA PRO C 301 59.52 -23.61 11.03
C PRO C 301 59.08 -22.50 10.08
N VAL C 302 59.57 -22.58 8.85
CA VAL C 302 59.28 -21.59 7.81
C VAL C 302 57.84 -21.72 7.36
N THR C 303 57.30 -22.94 7.36
CA THR C 303 55.88 -23.15 7.13
C THR C 303 55.01 -22.49 8.21
N TYR C 304 55.37 -22.64 9.49
CA TYR C 304 54.57 -22.00 10.54
C TYR C 304 54.64 -20.47 10.47
N LEU C 305 55.81 -19.93 10.12
CA LEU C 305 55.97 -18.48 9.98
C LEU C 305 55.14 -17.95 8.81
N VAL C 306 55.12 -18.68 7.70
CA VAL C 306 54.29 -18.31 6.55
C VAL C 306 52.80 -18.40 6.90
N SER C 307 52.41 -19.39 7.70
CA SER C 307 51.02 -19.51 8.14
C SER C 307 50.60 -18.33 9.01
N LEU C 308 51.51 -17.84 9.87
CA LEU C 308 51.21 -16.62 10.62
C LEU C 308 51.07 -15.41 9.70
N SER C 309 51.95 -15.31 8.68
CA SER C 309 51.91 -14.13 7.83
C SER C 309 50.67 -14.10 6.95
N THR C 310 50.20 -15.27 6.49
CA THR C 310 48.94 -15.28 5.76
C THR C 310 47.73 -15.22 6.65
N LEU C 311 47.87 -15.48 7.96
CA LEU C 311 46.76 -15.18 8.83
C LEU C 311 46.67 -13.67 9.10
N MET C 312 47.81 -12.98 9.09
CA MET C 312 47.79 -11.52 9.18
C MET C 312 47.20 -10.89 7.93
N GLY C 313 47.70 -11.30 6.75
CA GLY C 313 47.16 -10.78 5.50
C GLY C 313 45.71 -11.17 5.26
N GLY C 314 45.30 -12.33 5.78
CA GLY C 314 43.89 -12.67 5.81
C GLY C 314 43.12 -12.10 6.97
N TYR C 315 43.78 -11.31 7.83
CA TYR C 315 43.12 -10.58 8.91
C TYR C 315 42.86 -9.13 8.56
N LEU C 316 43.76 -8.49 7.80
CA LEU C 316 43.53 -7.12 7.34
C LEU C 316 42.44 -7.02 6.29
N TRP C 317 42.14 -8.11 5.59
CA TRP C 317 41.02 -8.16 4.65
C TRP C 317 39.67 -8.19 5.36
N PHE C 318 39.65 -8.55 6.64
CA PHE C 318 38.39 -8.62 7.39
C PHE C 318 37.91 -7.24 7.81
N LEU C 319 38.76 -6.22 7.69
CA LEU C 319 38.34 -4.82 7.84
C LEU C 319 37.85 -4.23 6.52
N TYR C 320 38.17 -4.87 5.40
CA TYR C 320 37.94 -4.31 4.07
C TYR C 320 36.47 -4.32 3.65
N HIS C 321 35.58 -4.93 4.44
CA HIS C 321 34.14 -4.81 4.19
C HIS C 321 33.70 -3.41 4.60
N ASN C 322 34.02 -2.44 3.75
CA ASN C 322 33.98 -1.03 4.13
C ASN C 322 32.61 -0.43 3.84
N ARG C 323 32.18 -0.45 2.58
CA ARG C 323 30.88 0.04 2.21
C ARG C 323 30.02 -1.11 1.70
N GLU C 324 28.79 -1.18 2.20
CA GLU C 324 27.78 -2.08 1.67
C GLU C 324 26.48 -1.31 1.59
N ILE C 325 26.20 -0.74 0.43
CA ILE C 325 25.00 0.06 0.23
C ILE C 325 24.03 -0.81 -0.56
N SER C 326 23.10 -1.44 0.15
CA SER C 326 22.15 -2.36 -0.44
C SER C 326 20.72 -1.84 -0.27
N TYR C 327 19.81 -2.47 -0.99
CA TYR C 327 18.39 -2.10 -0.97
C TYR C 327 17.55 -3.26 -1.47
N THR C 334 20.02 -5.38 -2.40
CA THR C 334 20.22 -5.96 -3.72
C THR C 334 21.28 -5.20 -4.48
N ILE C 335 21.82 -4.16 -3.85
CA ILE C 335 22.74 -3.23 -4.49
C ILE C 335 24.12 -3.41 -3.85
N ASN C 336 25.16 -3.33 -4.66
CA ASN C 336 26.53 -3.43 -4.21
C ASN C 336 27.05 -2.04 -3.85
N ALA C 337 28.36 -1.95 -3.64
CA ALA C 337 29.00 -0.66 -3.38
C ALA C 337 30.27 -0.45 -4.20
N ARG C 338 30.90 -1.52 -4.67
CA ARG C 338 32.07 -1.37 -5.54
C ARG C 338 31.69 -0.80 -6.89
N GLN C 339 30.47 -1.09 -7.36
CA GLN C 339 30.06 -0.76 -8.71
C GLN C 339 29.19 0.48 -8.79
N LYS C 340 28.74 0.99 -7.63
CA LYS C 340 27.72 2.03 -7.56
C LYS C 340 28.17 3.32 -8.23
N LYS C 341 29.46 3.63 -8.18
CA LYS C 341 29.98 4.72 -8.99
C LYS C 341 30.12 4.31 -10.45
N LEU C 342 30.31 3.02 -10.73
CA LEU C 342 30.65 2.62 -12.09
C LEU C 342 29.44 2.62 -13.01
N TYR C 343 28.35 1.93 -12.63
CA TYR C 343 27.22 1.88 -13.55
C TYR C 343 26.39 3.16 -13.56
N GLN C 344 26.66 4.09 -12.65
CA GLN C 344 25.88 5.32 -12.54
C GLN C 344 26.63 6.54 -13.06
N MET C 345 27.85 6.78 -12.58
CA MET C 345 28.59 7.96 -12.97
C MET C 345 29.34 7.76 -14.29
N LYS C 346 29.19 6.60 -14.93
CA LYS C 346 29.62 6.40 -16.30
C LYS C 346 28.55 5.74 -17.16
N GLY C 347 27.50 5.19 -16.56
CA GLY C 347 26.47 4.48 -17.29
C GLY C 347 25.07 5.04 -17.11
N ILE C 348 24.12 4.18 -16.74
CA ILE C 348 22.71 4.51 -16.78
C ILE C 348 22.15 4.48 -15.35
N ASP C 349 21.14 5.32 -15.12
CA ASP C 349 20.74 5.74 -13.79
C ASP C 349 20.05 4.62 -13.01
N LEU C 350 19.61 4.99 -11.80
CA LEU C 350 18.95 4.10 -10.86
C LEU C 350 17.68 4.80 -10.35
N GLN C 351 17.68 6.13 -10.42
CA GLN C 351 16.48 6.90 -10.12
C GLN C 351 15.38 6.58 -11.12
N VAL C 352 15.72 6.53 -12.40
CA VAL C 352 14.77 6.15 -13.44
C VAL C 352 14.37 4.68 -13.27
N TRP C 353 15.30 3.85 -12.79
CA TRP C 353 15.01 2.44 -12.52
C TRP C 353 13.93 2.28 -11.46
N GLU C 354 14.14 2.88 -10.28
CA GLU C 354 13.14 2.77 -9.22
C GLU C 354 11.87 3.54 -9.54
N SER C 355 11.97 4.61 -10.34
CA SER C 355 10.76 5.35 -10.70
C SER C 355 9.90 4.55 -11.67
N LEU C 356 10.50 3.88 -12.65
CA LEU C 356 9.73 3.03 -13.54
C LEU C 356 9.23 1.78 -12.84
N ILE C 357 9.93 1.34 -11.80
CA ILE C 357 9.38 0.32 -10.91
C ILE C 357 8.11 0.84 -10.24
N ASP C 358 8.16 2.06 -9.71
CA ASP C 358 7.03 2.61 -8.97
C ASP C 358 5.84 2.86 -9.88
N GLU C 359 6.08 3.38 -11.08
CA GLU C 359 5.01 3.58 -12.04
C GLU C 359 4.52 2.27 -12.65
N ALA C 360 5.34 1.22 -12.59
CA ALA C 360 4.94 -0.06 -13.17
C ALA C 360 4.16 -0.91 -12.19
N ASN C 361 4.33 -0.71 -10.88
CA ASN C 361 3.67 -1.56 -9.92
C ASN C 361 2.18 -1.26 -9.79
N ALA C 362 1.75 -0.08 -10.21
CA ALA C 362 0.36 0.33 -9.96
C ALA C 362 -0.61 -0.34 -10.92
N ILE C 363 -0.21 -0.50 -12.19
CA ILE C 363 -1.14 -0.87 -13.24
C ILE C 363 -1.60 -2.31 -13.10
N ARG C 364 -0.72 -3.17 -12.58
CA ARG C 364 -1.04 -4.59 -12.42
C ARG C 364 -2.18 -4.80 -11.44
N ARG C 365 -2.29 -3.95 -10.42
CA ARG C 365 -3.40 -4.05 -9.49
C ARG C 365 -4.72 -3.65 -10.15
N GLU C 366 -4.68 -2.66 -11.05
CA GLU C 366 -5.91 -2.28 -11.75
C GLU C 366 -6.36 -3.37 -12.71
N ILE C 367 -5.40 -3.97 -13.42
CA ILE C 367 -5.74 -5.05 -14.35
C ILE C 367 -6.24 -6.26 -13.58
N LYS C 368 -5.73 -6.49 -12.37
CA LYS C 368 -6.24 -7.61 -11.58
C LYS C 368 -7.55 -7.28 -10.87
N ASN C 369 -7.89 -6.00 -10.71
CA ASN C 369 -9.20 -5.66 -10.15
C ASN C 369 -10.29 -5.81 -11.21
N ILE C 370 -10.05 -5.26 -12.40
CA ILE C 370 -10.96 -5.46 -13.52
C ILE C 370 -11.02 -6.93 -13.90
N ALA C 371 -9.90 -7.63 -13.77
CA ALA C 371 -9.89 -9.08 -13.96
C ALA C 371 -10.66 -9.78 -12.86
N ALA C 372 -10.65 -9.23 -11.64
CA ALA C 372 -11.45 -9.80 -10.57
C ALA C 372 -12.93 -9.60 -10.82
N GLU C 373 -13.31 -8.57 -11.58
CA GLU C 373 -14.71 -8.36 -11.89
C GLU C 373 -15.21 -9.39 -12.91
N TYR C 374 -14.45 -9.60 -13.98
CA TYR C 374 -14.97 -10.36 -15.13
C TYR C 374 -14.97 -11.86 -14.93
N ASP C 375 -14.50 -12.38 -13.79
CA ASP C 375 -14.39 -13.81 -13.50
C ASP C 375 -13.56 -14.57 -14.54
N VAL C 376 -12.59 -13.88 -15.13
CA VAL C 376 -11.67 -14.47 -16.09
C VAL C 376 -10.27 -14.36 -15.50
N ASP C 377 -9.53 -15.46 -15.53
CA ASP C 377 -8.25 -15.56 -14.86
C ASP C 377 -7.23 -14.66 -15.54
N TRP C 378 -6.37 -14.03 -14.75
CA TRP C 378 -5.31 -13.20 -15.29
C TRP C 378 -3.97 -13.89 -15.12
N ASP C 379 -3.34 -14.24 -16.24
CA ASP C 379 -2.02 -14.85 -16.24
C ASP C 379 -1.09 -14.04 -17.14
N GLU C 380 -0.03 -13.50 -16.56
CA GLU C 380 0.98 -12.78 -17.33
C GLU C 380 1.90 -13.72 -18.08
N ARG C 381 1.94 -15.00 -17.69
CA ARG C 381 2.71 -15.98 -18.43
C ARG C 381 2.01 -16.45 -19.68
N LYS C 382 0.69 -16.27 -19.77
CA LYS C 382 0.00 -16.40 -21.03
C LYS C 382 0.17 -15.18 -21.92
N ASP C 383 0.76 -14.11 -21.38
CA ASP C 383 1.21 -12.97 -22.16
C ASP C 383 2.72 -12.91 -22.26
N GLU C 384 3.41 -13.90 -21.69
CA GLU C 384 4.83 -14.07 -21.98
C GLU C 384 5.04 -14.45 -23.45
N GLN C 385 4.05 -15.11 -24.04
CA GLN C 385 4.08 -15.57 -25.41
C GLN C 385 3.87 -14.45 -26.41
N ASP C 386 3.46 -13.26 -25.96
CA ASP C 386 3.19 -12.15 -26.86
C ASP C 386 4.35 -11.17 -26.98
N ASP C 387 5.43 -11.37 -26.21
CA ASP C 387 6.62 -10.53 -26.31
C ASP C 387 7.61 -11.05 -27.35
N ARG C 388 7.21 -12.00 -28.19
CA ARG C 388 8.14 -12.66 -29.10
C ARG C 388 7.67 -12.64 -30.55
N VAL C 389 6.38 -12.78 -30.81
CA VAL C 389 5.86 -12.71 -32.17
C VAL C 389 4.74 -11.68 -32.24
N ASP D 52 -43.77 -8.75 -6.58
CA ASP D 52 -44.66 -8.10 -7.53
C ASP D 52 -45.22 -6.78 -7.01
N THR D 53 -46.07 -6.89 -5.99
CA THR D 53 -46.90 -5.76 -5.57
C THR D 53 -46.16 -4.84 -4.59
N ILE D 54 -45.80 -5.36 -3.42
CA ILE D 54 -45.22 -4.56 -2.36
C ILE D 54 -43.93 -5.20 -1.87
N ALA D 55 -43.29 -5.98 -2.73
CA ALA D 55 -42.15 -6.79 -2.31
C ALA D 55 -40.97 -6.55 -3.24
N GLY D 56 -39.79 -6.37 -2.66
CA GLY D 56 -38.59 -6.24 -3.45
C GLY D 56 -37.48 -7.09 -2.90
N LYS D 57 -36.27 -6.92 -3.45
CA LYS D 57 -35.09 -7.67 -3.02
C LYS D 57 -33.83 -6.79 -3.12
N LEU D 58 -32.80 -7.13 -2.36
CA LEU D 58 -31.52 -6.42 -2.36
C LEU D 58 -30.47 -7.46 -2.75
N LEU D 59 -29.55 -7.13 -3.65
CA LEU D 59 -28.54 -8.08 -4.10
C LEU D 59 -27.11 -7.55 -3.98
N THR D 60 -26.13 -8.44 -3.86
CA THR D 60 -24.75 -8.03 -3.71
C THR D 60 -24.02 -8.19 -5.04
N THR D 61 -23.35 -7.13 -5.46
CA THR D 61 -22.57 -7.18 -6.69
C THR D 61 -21.31 -8.01 -6.46
N PRO D 62 -20.64 -8.44 -7.53
CA PRO D 62 -19.27 -8.92 -7.39
C PRO D 62 -18.30 -7.84 -6.95
N SER D 63 -18.60 -6.57 -7.19
CA SER D 63 -17.77 -5.51 -6.65
C SER D 63 -18.18 -5.22 -5.21
N ARG D 64 -17.73 -4.08 -4.71
CA ARG D 64 -17.97 -3.73 -3.32
C ARG D 64 -19.41 -3.29 -3.06
N LEU D 65 -20.12 -2.83 -4.09
CA LEU D 65 -21.38 -2.12 -3.93
C LEU D 65 -22.53 -3.05 -3.56
N PHE D 66 -23.72 -2.46 -3.45
CA PHE D 66 -25.00 -3.14 -3.32
C PHE D 66 -25.88 -2.76 -4.50
N LYS D 67 -26.97 -3.50 -4.67
CA LYS D 67 -28.08 -2.97 -5.44
C LYS D 67 -29.38 -3.51 -4.89
N LEU D 68 -30.39 -2.65 -4.78
CA LEU D 68 -31.70 -3.04 -4.30
C LEU D 68 -32.72 -2.82 -5.41
N LEU D 69 -33.78 -3.61 -5.35
CA LEU D 69 -34.83 -3.57 -6.36
C LEU D 69 -36.15 -3.32 -5.65
N ILE D 70 -36.77 -2.18 -5.95
CA ILE D 70 -37.99 -1.76 -5.27
C ILE D 70 -39.10 -1.52 -6.28
N PRO D 71 -40.32 -1.91 -5.99
CA PRO D 71 -41.41 -1.59 -6.89
C PRO D 71 -41.85 -0.15 -6.74
N LEU D 72 -41.48 0.73 -7.65
CA LEU D 72 -41.84 2.14 -7.54
C LEU D 72 -42.86 2.53 -8.59
N THR D 73 -43.21 3.81 -8.56
CA THR D 73 -43.96 4.48 -9.62
C THR D 73 -43.12 5.66 -10.08
N THR D 74 -42.77 5.69 -11.35
CA THR D 74 -41.80 6.64 -11.84
C THR D 74 -42.54 7.90 -12.28
N ILE D 75 -41.90 8.76 -13.09
CA ILE D 75 -42.51 10.00 -13.57
C ILE D 75 -43.76 9.70 -14.40
N ASN D 76 -43.65 8.79 -15.37
CA ASN D 76 -44.82 8.40 -16.17
C ASN D 76 -44.67 6.93 -16.52
N ARG D 77 -45.27 6.08 -15.71
CA ARG D 77 -45.30 4.64 -15.95
C ARG D 77 -46.66 4.12 -15.52
N LYS D 78 -46.75 2.80 -15.43
CA LYS D 78 -47.80 2.12 -14.69
C LYS D 78 -47.30 1.92 -13.25
N ASP D 79 -48.07 1.18 -12.45
CA ASP D 79 -47.86 1.20 -11.02
C ASP D 79 -46.65 0.40 -10.55
N ILE D 80 -46.07 -0.46 -11.39
CA ILE D 80 -44.97 -1.30 -10.99
C ILE D 80 -43.85 -1.21 -12.00
N GLU D 81 -42.63 -1.07 -11.51
CA GLU D 81 -41.42 -1.07 -12.34
C GLU D 81 -40.26 -1.32 -11.40
N GLN D 82 -39.57 -2.45 -11.59
CA GLN D 82 -38.56 -2.90 -10.63
C GLN D 82 -37.27 -2.13 -10.83
N ILE D 83 -37.26 -0.89 -10.37
CA ILE D 83 -36.15 0.03 -10.63
C ILE D 83 -34.94 -0.35 -9.77
N ALA D 84 -33.74 -0.22 -10.34
CA ALA D 84 -32.50 -0.64 -9.70
C ALA D 84 -31.68 0.56 -9.26
N ILE D 85 -31.13 0.48 -8.05
CA ILE D 85 -30.38 1.57 -7.44
C ILE D 85 -29.10 1.00 -6.86
N LEU D 86 -27.95 1.59 -7.24
CA LEU D 86 -26.63 1.12 -6.80
C LEU D 86 -26.14 1.96 -5.64
N ILE D 87 -25.83 1.31 -4.52
CA ILE D 87 -25.41 1.97 -3.29
C ILE D 87 -24.06 1.42 -2.88
N HIS D 88 -23.25 2.27 -2.23
CA HIS D 88 -22.08 1.79 -1.50
C HIS D 88 -22.47 1.47 -0.07
N PRO D 89 -21.90 0.45 0.60
CA PRO D 89 -22.42 0.07 1.92
C PRO D 89 -22.00 0.98 3.06
N GLN D 90 -20.76 1.49 3.09
CA GLN D 90 -20.41 2.47 4.12
C GLN D 90 -20.63 3.85 3.49
N GLN D 91 -21.75 4.45 3.84
CA GLN D 91 -22.39 5.54 3.13
C GLN D 91 -23.54 5.91 4.05
N PRO D 92 -24.04 7.13 4.05
CA PRO D 92 -25.16 7.44 4.94
C PRO D 92 -26.46 6.84 4.50
N LEU D 93 -27.52 7.23 5.20
CA LEU D 93 -28.84 6.75 4.87
C LEU D 93 -29.70 7.84 4.24
N SER D 94 -29.39 9.10 4.52
CA SER D 94 -30.03 10.21 3.81
C SER D 94 -29.69 10.22 2.34
N HIS D 95 -28.56 9.63 1.96
CA HIS D 95 -28.23 9.47 0.57
C HIS D 95 -29.22 8.56 -0.14
N LEU D 96 -29.60 7.45 0.51
CA LEU D 96 -30.58 6.57 -0.10
C LEU D 96 -31.97 7.19 -0.08
N GLU D 97 -32.31 7.96 0.97
CA GLU D 97 -33.56 8.71 0.97
C GLU D 97 -33.64 9.68 -0.20
N ARG D 98 -32.54 10.39 -0.47
CA ARG D 98 -32.54 11.32 -1.59
C ARG D 98 -32.61 10.57 -2.91
N LEU D 99 -31.94 9.43 -2.99
CA LEU D 99 -31.85 8.72 -4.25
C LEU D 99 -33.15 8.03 -4.61
N ILE D 100 -33.93 7.63 -3.61
CA ILE D 100 -35.28 7.14 -3.91
C ILE D 100 -36.20 8.31 -4.23
N GLN D 101 -36.14 9.41 -3.47
CA GLN D 101 -37.10 10.48 -3.68
C GLN D 101 -36.84 11.28 -4.95
N SER D 102 -35.72 11.06 -5.62
CA SER D 102 -35.53 11.65 -6.94
C SER D 102 -36.51 11.09 -7.96
N GLU D 103 -36.92 9.84 -7.83
CA GLU D 103 -37.74 9.16 -8.85
C GLU D 103 -39.04 8.66 -8.26
N VAL D 104 -40.00 9.57 -8.12
CA VAL D 104 -41.37 9.35 -7.65
C VAL D 104 -42.03 10.72 -7.86
N PRO D 105 -43.30 10.80 -8.23
CA PRO D 105 -43.94 12.11 -8.36
C PRO D 105 -44.15 12.76 -7.01
N PRO D 106 -43.99 14.08 -6.92
CA PRO D 106 -44.02 14.74 -5.60
C PRO D 106 -45.40 14.81 -4.95
N ILE D 107 -45.44 15.35 -3.75
CA ILE D 107 -46.66 15.51 -2.98
C ILE D 107 -47.24 16.88 -3.29
N GLU D 108 -48.56 16.92 -3.42
CA GLU D 108 -49.36 18.10 -3.74
C GLU D 108 -49.60 19.03 -2.55
N ASP D 109 -50.17 20.20 -2.85
CA ASP D 109 -50.49 21.21 -1.85
C ASP D 109 -51.48 20.64 -0.83
N GLU D 110 -51.38 20.94 0.48
CA GLU D 110 -50.26 21.56 1.24
C GLU D 110 -50.15 23.10 1.26
N ASN D 111 -51.09 23.78 0.61
CA ASN D 111 -51.14 25.26 0.64
C ASN D 111 -49.93 26.19 0.38
N GLY D 112 -49.22 26.12 -0.75
CA GLY D 112 -49.13 24.99 -1.65
C GLY D 112 -47.70 24.50 -1.74
N GLN D 113 -47.51 23.20 -1.54
CA GLN D 113 -46.16 22.63 -1.60
C GLN D 113 -45.99 21.52 -2.62
N LYS D 114 -44.95 21.66 -3.42
CA LYS D 114 -44.59 20.67 -4.43
C LYS D 114 -43.40 19.85 -3.96
N ARG D 115 -43.13 19.91 -2.66
CA ARG D 115 -42.02 19.21 -2.03
C ARG D 115 -42.07 17.71 -2.23
N PRO D 116 -40.91 17.11 -2.47
CA PRO D 116 -40.67 15.68 -2.70
C PRO D 116 -41.05 14.88 -1.47
N PRO D 117 -41.37 13.60 -1.66
CA PRO D 117 -41.85 12.80 -0.52
C PRO D 117 -40.76 12.52 0.50
N PHE D 118 -41.18 11.88 1.59
CA PHE D 118 -40.31 11.59 2.71
C PHE D 118 -40.40 10.09 2.99
N VAL D 119 -39.30 9.39 2.80
CA VAL D 119 -39.25 7.98 3.12
C VAL D 119 -38.69 7.83 4.53
N SER D 120 -38.88 6.66 5.11
CA SER D 120 -38.58 6.48 6.52
C SER D 120 -38.33 5.01 6.77
N PHE D 121 -37.10 4.65 7.12
CA PHE D 121 -36.73 3.24 7.02
C PHE D 121 -36.93 2.55 8.36
N ILE D 122 -38.20 2.36 8.71
CA ILE D 122 -38.52 1.60 9.91
C ILE D 122 -38.13 0.14 9.68
N ALA D 123 -37.78 -0.53 10.78
CA ALA D 123 -37.27 -1.89 10.67
C ALA D 123 -37.69 -2.64 11.92
N LEU D 124 -37.03 -3.76 12.19
CA LEU D 124 -37.26 -4.44 13.45
C LEU D 124 -36.05 -4.22 14.34
N ARG D 187 -40.76 -4.26 16.40
CA ARG D 187 -41.94 -4.02 15.56
C ARG D 187 -41.70 -2.93 14.52
N PHE D 188 -41.72 -1.67 14.97
CA PHE D 188 -41.57 -0.52 14.09
C PHE D 188 -40.59 0.48 14.69
N ILE D 189 -39.43 -0.03 15.12
CA ILE D 189 -38.33 0.79 15.60
C ILE D 189 -37.80 1.59 14.42
N ARG D 190 -38.06 2.89 14.41
CA ARG D 190 -37.58 3.77 13.37
C ARG D 190 -36.08 3.96 13.48
N TRP D 191 -35.39 4.04 12.35
CA TRP D 191 -33.94 4.24 12.34
C TRP D 191 -33.60 5.63 11.82
N SER D 192 -32.53 6.19 12.37
CA SER D 192 -32.21 7.58 12.14
C SER D 192 -31.61 7.78 10.76
N GLN D 193 -31.40 9.04 10.40
CA GLN D 193 -30.84 9.40 9.11
C GLN D 193 -29.34 9.54 9.15
N SER D 194 -28.66 8.79 10.01
CA SER D 194 -27.21 8.78 9.97
C SER D 194 -26.61 7.41 10.13
N THR D 195 -27.37 6.39 10.52
CA THR D 195 -26.83 5.05 10.66
C THR D 195 -26.49 4.49 9.31
N GLU D 196 -25.28 3.97 9.16
CA GLU D 196 -24.79 3.57 7.86
C GLU D 196 -25.44 2.26 7.42
N ILE D 197 -25.30 1.98 6.12
CA ILE D 197 -26.04 0.88 5.52
C ILE D 197 -25.40 -0.45 5.87
N GLY D 198 -24.11 -0.46 6.23
CA GLY D 198 -23.52 -1.68 6.76
C GLY D 198 -24.18 -2.11 8.05
N ASP D 199 -24.43 -1.16 8.94
CA ASP D 199 -25.10 -1.49 10.20
C ASP D 199 -26.58 -1.74 10.02
N PHE D 200 -27.21 -1.06 9.07
CA PHE D 200 -28.65 -1.26 8.93
C PHE D 200 -28.97 -2.57 8.23
N ILE D 201 -28.15 -2.95 7.25
CA ILE D 201 -28.21 -4.28 6.68
C ILE D 201 -27.72 -5.33 7.67
N ARG D 202 -26.92 -4.94 8.67
CA ARG D 202 -26.50 -5.89 9.70
C ARG D 202 -27.66 -6.26 10.62
N ASP D 203 -28.23 -5.28 11.32
CA ASP D 203 -29.29 -5.57 12.27
C ASP D 203 -30.57 -6.02 11.55
N ALA D 204 -30.83 -5.44 10.38
CA ALA D 204 -31.92 -5.94 9.56
C ALA D 204 -31.62 -7.33 9.02
N ALA D 205 -30.34 -7.68 8.87
CA ALA D 205 -29.98 -9.00 8.37
C ALA D 205 -30.20 -10.06 9.41
N ARG D 206 -30.01 -9.73 10.68
CA ARG D 206 -30.53 -10.63 11.71
C ARG D 206 -32.06 -10.64 11.70
N ALA D 207 -32.67 -9.48 11.44
CA ALA D 207 -34.13 -9.40 11.46
C ALA D 207 -34.78 -10.09 10.27
N LYS D 208 -34.07 -10.15 9.13
CA LYS D 208 -34.56 -10.70 7.86
C LYS D 208 -35.82 -9.95 7.39
N GLU D 209 -35.75 -8.62 7.44
CA GLU D 209 -36.86 -7.74 7.10
C GLU D 209 -36.32 -6.33 6.94
N PHE D 210 -37.06 -5.50 6.22
CA PHE D 210 -36.60 -4.19 5.80
C PHE D 210 -37.85 -3.47 5.28
N ILE D 211 -38.19 -2.29 5.79
CA ILE D 211 -39.44 -1.65 5.42
C ILE D 211 -39.15 -0.21 5.03
N VAL D 212 -39.52 0.16 3.81
CA VAL D 212 -39.40 1.53 3.33
C VAL D 212 -40.82 2.05 3.14
N THR D 213 -41.25 2.94 4.01
CA THR D 213 -42.63 3.42 4.00
C THR D 213 -42.64 4.79 3.35
N ILE D 214 -42.88 4.81 2.05
CA ILE D 214 -42.93 6.08 1.30
C ILE D 214 -44.29 6.71 1.54
N GLU D 215 -44.33 8.04 1.59
CA GLU D 215 -45.57 8.74 1.86
C GLU D 215 -45.96 9.64 0.68
N GLY D 216 -47.25 9.93 0.64
CA GLY D 216 -47.87 10.70 -0.43
C GLY D 216 -48.12 9.84 -1.66
N ALA D 217 -47.05 9.20 -2.13
CA ALA D 217 -47.05 8.38 -3.34
C ALA D 217 -47.94 7.14 -3.36
N PRO D 218 -48.00 6.45 -2.21
CA PRO D 218 -48.66 5.20 -1.83
C PRO D 218 -50.19 5.17 -1.93
N ALA D 219 -50.84 6.29 -1.60
CA ALA D 219 -52.31 6.40 -1.58
C ALA D 219 -52.93 5.38 -0.62
N GLY D 220 -52.29 5.24 0.53
CA GLY D 220 -52.70 4.35 1.60
C GLY D 220 -52.03 2.99 1.73
N LEU D 221 -51.32 2.52 0.70
CA LEU D 221 -50.64 1.24 0.85
C LEU D 221 -49.57 1.40 1.92
N GLU D 222 -48.79 2.48 1.77
CA GLU D 222 -47.74 2.91 2.70
C GLU D 222 -46.69 1.89 3.13
N GLN D 223 -46.28 0.99 2.24
CA GLN D 223 -45.28 -0.02 2.60
C GLN D 223 -44.53 -0.68 1.45
N ILE D 224 -43.32 -1.11 1.75
CA ILE D 224 -42.47 -1.81 0.81
C ILE D 224 -41.63 -2.74 1.65
N HIS D 225 -41.48 -3.99 1.21
CA HIS D 225 -40.67 -4.91 1.97
C HIS D 225 -39.60 -5.50 1.09
N VAL D 226 -38.35 -5.43 1.51
CA VAL D 226 -37.30 -6.04 0.71
C VAL D 226 -36.70 -7.14 1.58
N ALA D 227 -36.08 -8.12 0.93
CA ALA D 227 -35.57 -9.30 1.63
C ALA D 227 -34.05 -9.23 1.66
N VAL D 228 -33.50 -9.16 2.87
CA VAL D 228 -32.08 -8.89 3.05
C VAL D 228 -31.28 -10.17 2.78
N PRO D 229 -30.20 -10.11 1.99
CA PRO D 229 -29.38 -11.30 1.79
C PRO D 229 -28.60 -11.64 3.05
N SER D 230 -28.10 -12.85 3.09
CA SER D 230 -27.45 -13.32 4.28
C SER D 230 -26.04 -13.81 3.95
N PHE D 231 -25.47 -14.30 5.05
CA PHE D 231 -24.13 -14.79 5.21
C PHE D 231 -23.79 -15.98 4.37
N ASP D 232 -24.66 -16.97 4.22
CA ASP D 232 -24.25 -18.05 3.34
C ASP D 232 -24.19 -17.45 1.93
N GLU D 233 -25.28 -16.77 1.56
CA GLU D 233 -25.38 -16.19 0.25
C GLU D 233 -24.36 -15.09 0.04
N ARG D 234 -24.20 -14.22 1.03
CA ARG D 234 -23.22 -13.16 0.87
C ARG D 234 -21.81 -13.74 0.80
N THR D 235 -21.48 -14.64 1.72
CA THR D 235 -20.15 -15.23 1.68
C THR D 235 -20.04 -16.20 0.53
N TYR D 236 -21.10 -16.97 0.28
CA TYR D 236 -20.88 -17.90 -0.83
C TYR D 236 -20.13 -17.19 -1.97
N PHE D 237 -20.46 -15.92 -2.21
CA PHE D 237 -19.79 -15.15 -3.25
C PHE D 237 -18.31 -15.03 -2.89
N LEU D 238 -18.02 -14.75 -1.62
CA LEU D 238 -16.62 -14.66 -1.17
C LEU D 238 -15.87 -15.99 -1.22
N ARG D 239 -16.57 -17.05 -0.82
CA ARG D 239 -16.02 -18.40 -0.75
C ARG D 239 -15.53 -18.77 -2.12
N MET D 240 -16.30 -18.44 -3.15
CA MET D 240 -15.79 -18.72 -4.48
C MET D 240 -14.43 -18.05 -4.72
N ARG D 241 -14.31 -16.80 -4.28
CA ARG D 241 -13.07 -16.06 -4.43
C ARG D 241 -11.94 -16.72 -3.65
N LEU D 242 -12.27 -17.17 -2.44
CA LEU D 242 -11.30 -17.84 -1.57
C LEU D 242 -11.08 -19.29 -1.95
N ARG D 243 -12.14 -19.96 -2.42
CA ARG D 243 -12.03 -21.36 -2.80
C ARG D 243 -11.10 -21.53 -4.00
N LYS D 244 -11.25 -20.65 -5.00
CA LYS D 244 -10.35 -20.67 -6.15
C LYS D 244 -8.91 -20.36 -5.75
N ILE D 245 -8.70 -19.32 -4.95
CA ILE D 245 -7.33 -18.93 -4.67
C ILE D 245 -6.65 -19.90 -3.70
N SER D 246 -7.41 -20.64 -2.90
CA SER D 246 -6.82 -21.62 -2.00
C SER D 246 -6.43 -22.89 -2.74
N ARG D 247 -7.21 -23.28 -3.75
CA ARG D 247 -6.78 -24.36 -4.63
C ARG D 247 -5.47 -24.01 -5.34
N ARG D 248 -5.38 -22.77 -5.84
CA ARG D 248 -4.15 -22.30 -6.48
C ARG D 248 -2.97 -22.26 -5.50
N ILE D 249 -3.23 -22.05 -4.21
CA ILE D 249 -2.18 -22.23 -3.21
C ILE D 249 -1.73 -23.68 -3.13
N GLN D 250 -2.71 -24.60 -3.08
CA GLN D 250 -2.43 -25.99 -2.70
C GLN D 250 -1.56 -26.71 -3.73
N GLY D 251 -1.84 -26.51 -5.03
CA GLY D 251 -1.06 -27.22 -6.05
C GLY D 251 0.41 -26.81 -6.06
N LEU D 252 0.66 -25.50 -6.07
CA LEU D 252 2.01 -24.96 -6.01
C LEU D 252 2.73 -25.35 -4.72
N ALA D 253 1.97 -25.52 -3.63
CA ALA D 253 2.55 -25.98 -2.37
C ALA D 253 3.15 -27.36 -2.49
N GLU D 254 2.40 -28.31 -3.05
CA GLU D 254 2.94 -29.67 -3.05
C GLU D 254 4.05 -29.86 -4.10
N ILE D 255 3.98 -29.13 -5.21
CA ILE D 255 5.09 -29.18 -6.18
C ILE D 255 6.37 -28.60 -5.56
N LYS D 256 6.23 -27.53 -4.78
CA LYS D 256 7.37 -26.94 -4.09
C LYS D 256 7.96 -27.93 -3.07
N HIS D 257 7.09 -28.69 -2.41
CA HIS D 257 7.55 -29.67 -1.43
C HIS D 257 8.38 -30.79 -2.07
N GLU D 258 7.92 -31.33 -3.21
CA GLU D 258 8.71 -32.40 -3.80
C GLU D 258 10.03 -31.86 -4.37
N CYS D 259 10.06 -30.59 -4.78
CA CYS D 259 11.34 -29.99 -5.13
C CYS D 259 12.28 -29.91 -3.93
N ASP D 260 11.72 -29.62 -2.75
CA ASP D 260 12.51 -29.61 -1.52
C ASP D 260 13.12 -30.97 -1.23
N ALA D 261 12.32 -32.04 -1.39
CA ALA D 261 12.84 -33.38 -1.19
C ALA D 261 13.95 -33.73 -2.17
N LEU D 262 13.83 -33.24 -3.42
CA LEU D 262 14.85 -33.54 -4.42
C LEU D 262 16.18 -32.88 -4.09
N ALA D 263 16.17 -31.57 -3.79
CA ALA D 263 17.42 -30.88 -3.51
C ALA D 263 18.07 -31.38 -2.21
N HIS D 264 17.24 -31.73 -1.21
CA HIS D 264 17.74 -32.35 0.00
C HIS D 264 18.46 -33.66 -0.27
N ARG D 265 17.87 -34.53 -1.10
CA ARG D 265 18.50 -35.81 -1.41
C ARG D 265 19.83 -35.64 -2.12
N GLY D 266 19.89 -34.74 -3.12
CA GLY D 266 21.13 -34.53 -3.84
C GLY D 266 22.25 -34.00 -2.96
N ALA D 267 21.92 -33.06 -2.08
CA ALA D 267 22.92 -32.50 -1.17
C ALA D 267 23.47 -33.55 -0.20
N GLN D 268 22.58 -34.34 0.44
CA GLN D 268 23.11 -35.31 1.41
C GLN D 268 23.84 -36.47 0.75
N ARG D 269 23.49 -36.84 -0.49
CA ARG D 269 24.29 -37.88 -1.14
C ARG D 269 25.69 -37.39 -1.49
N VAL D 270 25.82 -36.14 -1.98
CA VAL D 270 27.16 -35.65 -2.32
C VAL D 270 28.02 -35.44 -1.06
N ALA D 271 27.40 -34.94 0.02
CA ALA D 271 28.13 -34.79 1.28
C ALA D 271 28.55 -36.14 1.85
N LEU D 272 27.72 -37.17 1.66
CA LEU D 272 28.08 -38.52 2.11
C LEU D 272 29.29 -39.06 1.35
N GLY D 273 29.37 -38.75 0.05
CA GLY D 273 30.58 -39.11 -0.70
C GLY D 273 31.84 -38.41 -0.20
N GLY D 274 31.72 -37.12 0.13
CA GLY D 274 32.87 -36.38 0.64
C GLY D 274 33.36 -36.91 2.00
N PHE D 275 32.42 -37.28 2.87
CA PHE D 275 32.80 -37.93 4.12
C PHE D 275 33.45 -39.29 3.88
N GLY D 276 33.03 -39.97 2.80
CA GLY D 276 33.69 -41.22 2.43
C GLY D 276 35.16 -41.05 2.10
N ILE D 277 35.47 -40.07 1.24
CA ILE D 277 36.88 -39.91 0.84
C ILE D 277 37.73 -39.36 1.99
N LEU D 278 37.16 -38.51 2.86
CA LEU D 278 38.00 -37.98 3.93
C LEU D 278 38.22 -39.02 5.02
N ALA D 279 37.23 -39.88 5.26
CA ALA D 279 37.45 -41.03 6.14
C ALA D 279 38.52 -41.97 5.58
N PHE D 280 38.58 -42.10 4.25
CA PHE D 280 39.67 -42.87 3.65
C PHE D 280 41.03 -42.26 3.93
N TRP D 281 41.09 -40.92 3.93
CA TRP D 281 42.35 -40.26 4.26
C TRP D 281 42.77 -40.49 5.70
N TRP D 282 41.80 -40.50 6.63
CA TRP D 282 42.07 -40.87 8.02
C TRP D 282 42.66 -42.27 8.10
N TYR D 283 42.09 -43.22 7.36
CA TYR D 283 42.53 -44.61 7.44
C TYR D 283 43.94 -44.79 6.92
N ILE D 284 44.28 -44.14 5.79
CA ILE D 284 45.63 -44.40 5.27
C ILE D 284 46.69 -43.65 6.06
N VAL D 285 46.36 -42.51 6.69
CA VAL D 285 47.38 -41.87 7.52
C VAL D 285 47.62 -42.70 8.79
N TYR D 286 46.55 -43.22 9.39
CA TYR D 286 46.66 -44.08 10.58
C TYR D 286 47.48 -45.33 10.29
N LYS D 287 47.20 -46.01 9.19
CA LYS D 287 47.92 -47.25 8.96
C LYS D 287 49.33 -47.01 8.43
N LEU D 288 49.56 -45.94 7.66
CA LEU D 288 50.92 -45.65 7.20
C LEU D 288 51.85 -45.24 8.33
N THR D 289 51.41 -44.34 9.22
CA THR D 289 52.36 -43.95 10.25
C THR D 289 52.30 -44.83 11.48
N PHE D 290 51.30 -45.71 11.61
CA PHE D 290 51.28 -46.59 12.76
C PHE D 290 51.81 -47.98 12.45
N GLU D 291 51.85 -48.36 11.17
CA GLU D 291 52.54 -49.59 10.79
C GLU D 291 54.04 -49.47 11.01
N THR D 292 54.57 -48.25 10.96
CA THR D 292 55.99 -47.91 11.07
C THR D 292 56.80 -48.68 10.04
N ASP D 293 56.52 -48.35 8.79
CA ASP D 293 57.38 -48.70 7.67
C ASP D 293 58.10 -47.48 7.15
N LEU D 294 57.35 -46.43 6.82
CA LEU D 294 57.90 -45.09 6.65
C LEU D 294 57.63 -44.31 7.92
N GLY D 295 58.62 -43.55 8.36
CA GLY D 295 58.47 -42.83 9.61
C GLY D 295 57.56 -41.62 9.50
N TRP D 296 57.21 -41.07 10.66
CA TRP D 296 56.48 -39.81 10.71
C TRP D 296 57.29 -38.67 10.11
N ASP D 297 58.61 -38.74 10.26
CA ASP D 297 59.49 -37.77 9.63
C ASP D 297 59.44 -37.88 8.11
N THR D 298 59.15 -39.06 7.60
CA THR D 298 58.88 -39.29 6.20
C THR D 298 57.39 -39.23 5.89
N MET D 299 56.61 -38.72 6.84
CA MET D 299 55.16 -38.61 6.67
C MET D 299 54.69 -37.16 6.77
N GLU D 300 55.55 -36.28 7.26
CA GLU D 300 55.19 -34.87 7.43
C GLU D 300 54.90 -34.16 6.11
N PRO D 301 55.71 -34.44 5.09
CA PRO D 301 55.50 -33.82 3.78
C PRO D 301 54.16 -34.26 3.19
N VAL D 302 53.82 -35.52 3.37
CA VAL D 302 52.58 -36.07 2.85
C VAL D 302 51.38 -35.33 3.44
N THR D 303 51.43 -35.02 4.73
CA THR D 303 50.32 -34.32 5.37
C THR D 303 50.21 -32.88 4.90
N TYR D 304 51.32 -32.13 4.95
CA TYR D 304 51.24 -30.71 4.60
C TYR D 304 51.08 -30.52 3.11
N LEU D 305 51.77 -31.31 2.30
CA LEU D 305 51.68 -31.17 0.86
C LEU D 305 50.31 -31.64 0.35
N VAL D 306 49.72 -32.65 1.00
CA VAL D 306 48.33 -32.98 0.69
C VAL D 306 47.37 -31.88 1.16
N SER D 307 47.70 -31.18 2.26
CA SER D 307 46.85 -30.08 2.72
C SER D 307 46.82 -28.92 1.73
N LEU D 308 47.97 -28.58 1.14
CA LEU D 308 47.91 -27.64 0.03
C LEU D 308 47.28 -28.26 -1.21
N SER D 309 47.35 -29.58 -1.37
CA SER D 309 46.73 -30.19 -2.54
C SER D 309 45.20 -30.16 -2.45
N THR D 310 44.64 -30.18 -1.26
CA THR D 310 43.20 -30.00 -1.12
C THR D 310 42.80 -28.54 -0.94
N LEU D 311 43.78 -27.65 -0.72
CA LEU D 311 43.47 -26.25 -0.98
C LEU D 311 43.38 -26.02 -2.49
N MET D 312 44.20 -26.72 -3.27
CA MET D 312 44.10 -26.70 -4.73
C MET D 312 42.77 -27.26 -5.19
N GLY D 313 42.46 -28.51 -4.81
CA GLY D 313 41.23 -29.15 -5.24
C GLY D 313 39.98 -28.59 -4.59
N GLY D 314 40.13 -27.88 -3.48
CA GLY D 314 39.06 -27.10 -2.90
C GLY D 314 39.08 -25.64 -3.34
N TYR D 315 39.93 -25.29 -4.31
CA TYR D 315 40.02 -23.93 -4.82
C TYR D 315 39.78 -23.82 -6.32
N LEU D 316 39.99 -24.91 -7.08
CA LEU D 316 39.66 -24.94 -8.50
C LEU D 316 38.17 -24.78 -8.74
N TRP D 317 37.35 -25.32 -7.84
CA TRP D 317 35.90 -25.25 -7.94
C TRP D 317 35.38 -23.83 -7.79
N PHE D 318 36.17 -22.94 -7.18
CA PHE D 318 35.81 -21.53 -7.06
C PHE D 318 35.85 -20.80 -8.40
N LEU D 319 36.60 -21.30 -9.38
CA LEU D 319 36.86 -20.52 -10.59
C LEU D 319 36.31 -21.13 -11.88
N TYR D 320 36.24 -22.45 -12.00
CA TYR D 320 35.67 -23.03 -13.21
C TYR D 320 34.16 -23.24 -13.08
N HIS D 321 33.75 -24.06 -12.11
CA HIS D 321 32.34 -24.29 -11.88
C HIS D 321 31.70 -23.22 -11.01
N ASN D 322 32.52 -22.36 -10.38
CA ASN D 322 32.16 -21.03 -9.92
C ASN D 322 31.04 -21.04 -8.87
N ARG D 323 31.38 -21.54 -7.69
CA ARG D 323 30.67 -21.11 -6.50
C ARG D 323 31.29 -19.79 -6.04
N GLU D 324 30.47 -18.76 -5.89
CA GLU D 324 30.96 -17.44 -5.50
C GLU D 324 29.97 -16.75 -4.57
N ASP D 332 28.48 -18.51 -0.83
CA ASP D 332 28.11 -19.68 -0.03
C ASP D 332 27.81 -20.88 -0.91
N PHE D 333 26.63 -20.86 -1.52
CA PHE D 333 26.03 -21.99 -2.24
C PHE D 333 26.01 -23.25 -1.37
N THR D 334 25.40 -23.09 -0.20
CA THR D 334 25.25 -24.17 0.76
C THR D 334 24.07 -25.06 0.40
N ILE D 335 23.61 -25.85 1.38
CA ILE D 335 22.52 -26.80 1.18
C ILE D 335 21.22 -26.08 0.80
N ASN D 336 20.93 -24.98 1.48
CA ASN D 336 19.70 -24.24 1.21
C ASN D 336 19.75 -23.51 -0.13
N ALA D 337 20.93 -23.02 -0.52
CA ALA D 337 21.04 -22.24 -1.75
C ALA D 337 20.93 -23.11 -3.01
N ARG D 338 21.17 -24.41 -2.90
CA ARG D 338 20.94 -25.29 -4.03
C ARG D 338 19.46 -25.46 -4.29
N GLN D 339 18.67 -25.51 -3.23
CA GLN D 339 17.23 -25.58 -3.37
C GLN D 339 16.65 -24.28 -3.91
N LYS D 340 17.13 -23.15 -3.38
CA LYS D 340 16.69 -21.84 -3.85
C LYS D 340 17.14 -21.57 -5.27
N LYS D 341 18.24 -22.17 -5.70
CA LYS D 341 18.54 -22.21 -7.12
C LYS D 341 17.61 -23.15 -7.86
N LEU D 342 17.17 -24.22 -7.19
CA LEU D 342 16.49 -25.31 -7.89
C LEU D 342 15.05 -24.98 -8.23
N TYR D 343 14.27 -24.45 -7.27
CA TYR D 343 12.89 -24.12 -7.66
C TYR D 343 12.74 -22.73 -8.26
N GLN D 344 13.82 -22.15 -8.79
CA GLN D 344 13.66 -21.16 -9.84
C GLN D 344 13.25 -21.83 -11.15
N MET D 345 13.59 -23.12 -11.30
CA MET D 345 13.19 -23.94 -12.43
C MET D 345 11.83 -24.59 -12.21
N LYS D 346 11.62 -25.18 -11.04
CA LYS D 346 10.48 -26.06 -10.81
C LYS D 346 9.25 -25.34 -10.27
N GLY D 347 9.31 -24.03 -10.03
CA GLY D 347 8.16 -23.36 -9.47
C GLY D 347 8.13 -21.86 -9.62
N ILE D 348 7.45 -21.19 -8.68
CA ILE D 348 7.21 -19.76 -8.71
C ILE D 348 7.87 -19.17 -7.45
N ASP D 349 8.09 -17.86 -7.46
CA ASP D 349 8.84 -17.15 -6.43
C ASP D 349 8.02 -17.03 -5.14
N LEU D 350 8.55 -16.29 -4.18
CA LEU D 350 7.94 -16.18 -2.85
C LEU D 350 7.02 -14.97 -2.70
N GLN D 351 7.14 -13.97 -3.57
CA GLN D 351 6.32 -12.76 -3.43
C GLN D 351 4.87 -13.04 -3.83
N VAL D 352 4.68 -13.74 -4.95
CA VAL D 352 3.35 -14.20 -5.34
C VAL D 352 2.80 -15.17 -4.30
N TRP D 353 3.69 -16.01 -3.76
CA TRP D 353 3.33 -17.01 -2.76
C TRP D 353 2.76 -16.40 -1.49
N GLU D 354 3.52 -15.49 -0.87
CA GLU D 354 3.05 -14.79 0.30
C GLU D 354 1.92 -13.83 -0.01
N SER D 355 1.79 -13.37 -1.25
CA SER D 355 0.60 -12.59 -1.60
C SER D 355 -0.64 -13.45 -1.58
N LEU D 356 -0.53 -14.70 -2.03
CA LEU D 356 -1.67 -15.62 -2.01
C LEU D 356 -2.05 -15.97 -0.58
N ILE D 357 -1.08 -16.29 0.26
CA ILE D 357 -1.40 -16.68 1.64
C ILE D 357 -1.90 -15.49 2.44
N ASP D 358 -1.25 -14.33 2.31
CA ASP D 358 -1.62 -13.15 3.08
C ASP D 358 -2.98 -12.60 2.65
N GLU D 359 -3.23 -12.53 1.35
CA GLU D 359 -4.55 -12.10 0.89
C GLU D 359 -5.63 -13.14 1.22
N ALA D 360 -5.25 -14.42 1.27
CA ALA D 360 -6.19 -15.44 1.70
C ALA D 360 -6.62 -15.22 3.15
N ASN D 361 -5.66 -14.87 4.01
CA ASN D 361 -6.02 -14.54 5.38
C ASN D 361 -6.75 -13.20 5.48
N ALA D 362 -6.49 -12.30 4.54
CA ALA D 362 -7.25 -11.05 4.50
C ALA D 362 -8.70 -11.30 4.15
N ILE D 363 -8.98 -12.31 3.33
CA ILE D 363 -10.36 -12.68 3.06
C ILE D 363 -10.96 -13.42 4.25
N ARG D 364 -10.15 -14.24 4.93
CA ARG D 364 -10.65 -15.03 6.06
C ARG D 364 -10.99 -14.16 7.27
N ARG D 365 -10.26 -13.06 7.49
CA ARG D 365 -10.64 -12.16 8.56
C ARG D 365 -11.93 -11.42 8.24
N GLU D 366 -12.22 -11.23 6.95
CA GLU D 366 -13.45 -10.52 6.59
C GLU D 366 -14.66 -11.44 6.65
N ILE D 367 -14.51 -12.70 6.26
CA ILE D 367 -15.62 -13.62 6.47
C ILE D 367 -15.80 -13.92 7.95
N LYS D 368 -14.73 -13.84 8.75
CA LYS D 368 -14.91 -13.91 10.19
C LYS D 368 -15.61 -12.67 10.73
N ASN D 369 -15.38 -11.52 10.12
CA ASN D 369 -16.10 -10.31 10.52
C ASN D 369 -17.58 -10.43 10.22
N ILE D 370 -17.91 -10.76 8.98
CA ILE D 370 -19.30 -10.73 8.55
C ILE D 370 -20.09 -11.88 9.18
N ALA D 371 -19.51 -13.08 9.21
CA ALA D 371 -20.19 -14.20 9.85
C ALA D 371 -20.17 -14.09 11.36
N ALA D 372 -19.23 -13.34 11.92
CA ALA D 372 -19.28 -13.04 13.35
C ALA D 372 -20.44 -12.10 13.66
N GLU D 373 -20.55 -11.00 12.91
CA GLU D 373 -21.59 -10.00 13.14
C GLU D 373 -22.98 -10.50 12.76
N TYR D 374 -23.07 -11.47 11.87
CA TYR D 374 -24.36 -12.10 11.60
C TYR D 374 -24.67 -13.23 12.56
N ASP D 375 -23.67 -13.65 13.35
CA ASP D 375 -23.81 -14.65 14.42
C ASP D 375 -24.30 -16.00 13.90
N VAL D 376 -23.59 -16.55 12.92
CA VAL D 376 -23.67 -17.96 12.55
C VAL D 376 -22.25 -18.48 12.42
N ASP D 377 -21.92 -19.49 13.22
CA ASP D 377 -20.54 -19.96 13.32
C ASP D 377 -20.14 -20.73 12.08
N TRP D 378 -18.87 -20.62 11.69
CA TRP D 378 -18.44 -21.11 10.39
C TRP D 378 -16.95 -21.45 10.37
N ASP D 379 -16.62 -22.59 9.76
CA ASP D 379 -15.26 -22.95 9.39
C ASP D 379 -15.23 -23.31 7.91
N GLU D 380 -14.14 -22.96 7.24
CA GLU D 380 -14.06 -23.01 5.78
C GLU D 380 -13.62 -24.36 5.24
N ARG D 381 -13.49 -25.37 6.09
CA ARG D 381 -13.30 -26.73 5.60
C ARG D 381 -14.59 -27.28 4.99
N LYS D 382 -15.73 -26.70 5.33
CA LYS D 382 -17.06 -27.17 4.97
C LYS D 382 -17.40 -26.98 3.49
N ASP D 383 -16.49 -26.39 2.69
CA ASP D 383 -16.56 -26.43 1.24
C ASP D 383 -15.35 -27.08 0.60
N GLU D 384 -14.25 -27.25 1.36
CA GLU D 384 -13.24 -28.24 0.98
C GLU D 384 -13.84 -29.64 0.93
N GLN D 385 -14.84 -29.91 1.79
CA GLN D 385 -15.64 -31.12 1.68
C GLN D 385 -16.58 -31.12 0.48
N ASP D 386 -16.65 -30.02 -0.28
CA ASP D 386 -17.33 -30.00 -1.57
C ASP D 386 -16.39 -29.71 -2.74
N ASP D 387 -15.09 -29.61 -2.50
CA ASP D 387 -14.15 -29.39 -3.61
C ASP D 387 -14.02 -30.64 -4.47
N ARG D 388 -13.90 -31.80 -3.84
CA ARG D 388 -13.86 -33.06 -4.58
C ARG D 388 -15.25 -33.62 -4.80
N VAL D 389 -16.19 -33.29 -3.92
CA VAL D 389 -17.59 -33.70 -4.08
C VAL D 389 -18.48 -32.46 -4.15
CA CA E . 55.83 -30.98 13.13
#